data_1JK4
# 
_entry.id   1JK4 
# 
_audit_conform.dict_name       mmcif_pdbx.dic 
_audit_conform.dict_version    5.398 
_audit_conform.dict_location   http://mmcif.pdb.org/dictionaries/ascii/mmcif_pdbx.dic 
# 
loop_
_database_2.database_id 
_database_2.database_code 
_database_2.pdbx_database_accession 
_database_2.pdbx_DOI 
PDB   1JK4         pdb_00001jk4 10.2210/pdb1jk4/pdb 
RCSB  RCSB013867   ?            ?                   
WWPDB D_1000013867 ?            ?                   
# 
loop_
_pdbx_audit_revision_history.ordinal 
_pdbx_audit_revision_history.data_content_type 
_pdbx_audit_revision_history.major_revision 
_pdbx_audit_revision_history.minor_revision 
_pdbx_audit_revision_history.revision_date 
1 'Structure model' 1 0 2003-02-04 
2 'Structure model' 1 1 2008-04-27 
3 'Structure model' 1 2 2011-07-13 
4 'Structure model' 1 3 2017-10-04 
5 'Structure model' 1 4 2023-08-16 
6 'Structure model' 1 5 2024-11-13 
# 
_pdbx_audit_revision_details.ordinal             1 
_pdbx_audit_revision_details.revision_ordinal    1 
_pdbx_audit_revision_details.data_content_type   'Structure model' 
_pdbx_audit_revision_details.provider            repository 
_pdbx_audit_revision_details.type                'Initial release' 
_pdbx_audit_revision_details.description         ? 
_pdbx_audit_revision_details.details             ? 
# 
loop_
_pdbx_audit_revision_group.ordinal 
_pdbx_audit_revision_group.revision_ordinal 
_pdbx_audit_revision_group.data_content_type 
_pdbx_audit_revision_group.group 
1 2 'Structure model' 'Version format compliance' 
2 3 'Structure model' 'Version format compliance' 
3 4 'Structure model' 'Refinement description'    
4 5 'Structure model' 'Data collection'           
5 5 'Structure model' 'Database references'       
6 5 'Structure model' 'Derived calculations'      
7 5 'Structure model' 'Refinement description'    
8 6 'Structure model' 'Structure summary'         
# 
loop_
_pdbx_audit_revision_category.ordinal 
_pdbx_audit_revision_category.revision_ordinal 
_pdbx_audit_revision_category.data_content_type 
_pdbx_audit_revision_category.category 
1  4 'Structure model' software                      
2  5 'Structure model' chem_comp_atom                
3  5 'Structure model' chem_comp_bond                
4  5 'Structure model' database_2                    
5  5 'Structure model' pdbx_initial_refinement_model 
6  5 'Structure model' pdbx_struct_conn_angle        
7  5 'Structure model' struct_conn                   
8  5 'Structure model' struct_site                   
9  6 'Structure model' pdbx_entry_details            
10 6 'Structure model' pdbx_modification_feature     
# 
loop_
_pdbx_audit_revision_item.ordinal 
_pdbx_audit_revision_item.revision_ordinal 
_pdbx_audit_revision_item.data_content_type 
_pdbx_audit_revision_item.item 
1  5 'Structure model' '_database_2.pdbx_DOI'                        
2  5 'Structure model' '_database_2.pdbx_database_accession'         
3  5 'Structure model' '_pdbx_struct_conn_angle.ptnr1_auth_asym_id'  
4  5 'Structure model' '_pdbx_struct_conn_angle.ptnr1_auth_comp_id'  
5  5 'Structure model' '_pdbx_struct_conn_angle.ptnr1_auth_seq_id'   
6  5 'Structure model' '_pdbx_struct_conn_angle.ptnr1_label_asym_id' 
7  5 'Structure model' '_pdbx_struct_conn_angle.ptnr1_label_atom_id' 
8  5 'Structure model' '_pdbx_struct_conn_angle.ptnr1_label_comp_id' 
9  5 'Structure model' '_pdbx_struct_conn_angle.ptnr1_label_seq_id'  
10 5 'Structure model' '_pdbx_struct_conn_angle.ptnr1_symmetry'      
11 5 'Structure model' '_pdbx_struct_conn_angle.ptnr2_auth_seq_id'   
12 5 'Structure model' '_pdbx_struct_conn_angle.ptnr2_label_asym_id' 
13 5 'Structure model' '_pdbx_struct_conn_angle.ptnr3_auth_asym_id'  
14 5 'Structure model' '_pdbx_struct_conn_angle.ptnr3_auth_comp_id'  
15 5 'Structure model' '_pdbx_struct_conn_angle.ptnr3_auth_seq_id'   
16 5 'Structure model' '_pdbx_struct_conn_angle.ptnr3_label_asym_id' 
17 5 'Structure model' '_pdbx_struct_conn_angle.ptnr3_label_atom_id' 
18 5 'Structure model' '_pdbx_struct_conn_angle.ptnr3_label_comp_id' 
19 5 'Structure model' '_pdbx_struct_conn_angle.ptnr3_label_seq_id'  
20 5 'Structure model' '_pdbx_struct_conn_angle.ptnr3_symmetry'      
21 5 'Structure model' '_pdbx_struct_conn_angle.value'               
22 5 'Structure model' '_struct_conn.pdbx_dist_value'                
23 5 'Structure model' '_struct_conn.ptnr1_auth_comp_id'             
24 5 'Structure model' '_struct_conn.ptnr1_auth_seq_id'              
25 5 'Structure model' '_struct_conn.ptnr1_label_asym_id'            
26 5 'Structure model' '_struct_conn.ptnr1_label_atom_id'            
27 5 'Structure model' '_struct_conn.ptnr1_label_comp_id'            
28 5 'Structure model' '_struct_conn.ptnr1_label_seq_id'             
29 5 'Structure model' '_struct_conn.ptnr1_symmetry'                 
30 5 'Structure model' '_struct_conn.ptnr2_auth_asym_id'             
31 5 'Structure model' '_struct_conn.ptnr2_auth_comp_id'             
32 5 'Structure model' '_struct_conn.ptnr2_auth_seq_id'              
33 5 'Structure model' '_struct_conn.ptnr2_label_asym_id'            
34 5 'Structure model' '_struct_conn.ptnr2_label_atom_id'            
35 5 'Structure model' '_struct_conn.ptnr2_label_comp_id'            
36 5 'Structure model' '_struct_conn.ptnr2_label_seq_id'             
37 5 'Structure model' '_struct_conn.ptnr2_symmetry'                 
38 5 'Structure model' '_struct_site.pdbx_auth_asym_id'              
39 5 'Structure model' '_struct_site.pdbx_auth_comp_id'              
40 5 'Structure model' '_struct_site.pdbx_auth_seq_id'               
# 
_pdbx_database_status.status_code                     REL 
_pdbx_database_status.entry_id                        1JK4 
_pdbx_database_status.recvd_initial_deposition_date   2001-07-11 
_pdbx_database_status.deposit_site                    RCSB 
_pdbx_database_status.process_site                    RCSB 
_pdbx_database_status.SG_entry                        . 
_pdbx_database_status.pdb_format_compatible           Y 
_pdbx_database_status.status_code_mr                  ? 
_pdbx_database_status.status_code_sf                  ? 
_pdbx_database_status.status_code_cs                  ? 
_pdbx_database_status.methods_development_category    ? 
_pdbx_database_status.status_code_nmr_data            ? 
# 
loop_
_pdbx_database_related.db_name 
_pdbx_database_related.db_id 
_pdbx_database_related.details 
_pdbx_database_related.content_type 
PDB 2bn2 'Neurophysin II dipeptide complex'       unspecified 
PDB 1NPO 'Neurophysin II oxytocin complex'        unspecified 
PDB 1JK6 'UNCOMPLEXED DES 1-6 BOVINE NEUROPHYSIN' unspecified 
# 
loop_
_audit_author.name 
_audit_author.pdbx_ordinal 
'Rose, J.P.'  1 
'Wang, B.-C.' 2 
# 
loop_
_citation.id 
_citation.title 
_citation.journal_abbrev 
_citation.journal_volume 
_citation.page_first 
_citation.page_last 
_citation.year 
_citation.journal_id_ASTM 
_citation.country 
_citation.journal_id_ISSN 
_citation.journal_id_CSD 
_citation.book_publisher 
_citation.pdbx_database_id_PubMed 
_citation.pdbx_database_id_DOI 
primary 'Structures of an Unliganded Neurophysin and its Vasopressin Complex: Implications for Binding and Allosteric Mechanisms' 
'Protein Sci.'         10  1869 1880 2001 PRCIEI US 0961-8368 0795 ? 11514677 10.1110/ps.10601 
1       'Crystal Structure of the Neurophysin-Oxytocin Complex' Nat.Struct.Biol.       3   163  169  1996 NSBIEW US 1072-8368 2024 
? ?        ?                
2       
;Crystal Structure of a Bovine Neurophysin II Dipeptide Complex at 2.8 A Determined from the Single-Wavelength Anomalous Scattering Signal of an Incorporated Iodine Atom
;
Proc.Natl.Acad.Sci.USA 88  4240 4244 1991 PNASA6 US 0027-8424 0040 ? ?        ?                
3       'Crystals of Modified Bovine Neurophysin II' Eur.J.Biochem.         174 145  147  1988 EJBCAI IX 0014-2956 0262 ? ?        
?                
4       'Crystals of a Bovine Neurophysin II-Dipeptide Amide Complex' J.Mol.Biol.            127 241  242  1979 JMOBAK UK 
0022-2836 0070 ? ?        ?                
# 
loop_
_citation_author.citation_id 
_citation_author.name 
_citation_author.ordinal 
_citation_author.identifier_ORCID 
primary 'Wu, C.K.'        1  ? 
primary 'Hu, B.'          2  ? 
primary 'Rose, J.P.'      3  ? 
primary 'Liu, Z.J.'       4  ? 
primary 'Nguyen, T.L.'    5  ? 
primary 'Zeng, C.'        6  ? 
primary 'Breslow, E.'     7  ? 
primary 'Wang, B.C.'      8  ? 
1       'Rose, J.P.'      9  ? 
1       'Wu, C.K.'        10 ? 
1       'Hsiao, C.D.'     11 ? 
1       'Breslow, E.'     12 ? 
1       'Wang, B.C.'      13 ? 
2       'Chen, L.Q.'      14 ? 
2       'Rose, J.P.'      15 ? 
2       'Breslow, E.'     16 ? 
2       'Yang, D.'        17 ? 
2       'Chang, W.R.'     18 ? 
2       'Furey Jr., W.F.' 19 ? 
2       'Sax, M.'         20 ? 
2       'Wang, B.C.'      21 ? 
3       'Rose, J.P.'      22 ? 
3       'Yang, D.'        23 ? 
3       'Yoo, C.S.'       24 ? 
3       'Sax, M.'         25 ? 
3       'Breslow, E.'     26 ? 
3       'Wang, B.C.'      27 ? 
4       'Yoo, C.S.'       28 ? 
4       'Wang, B.C.'      29 ? 
4       'Sax, M.'         30 ? 
4       'Breslow, E.'     31 ? 
# 
loop_
_entity.id 
_entity.type 
_entity.src_method 
_entity.pdbx_description 
_entity.formula_weight 
_entity.pdbx_number_of_molecules 
_entity.pdbx_ec 
_entity.pdbx_mutation 
_entity.pdbx_fragment 
_entity.details 
1 polymer     nat 'NEUROPHYSIN 2'   9243.541 1  ? ? ? ? 
2 polymer     syn 'Lys Vasopressin' 1060.226 1  ? ? ? ? 
3 non-polymer syn 'CADMIUM ION'     112.411  3  ? ? ? ? 
4 water       nat water             18.015   29 ? ? ? ? 
# 
loop_
_entity_poly.entity_id 
_entity_poly.type 
_entity_poly.nstd_linkage 
_entity_poly.nstd_monomer 
_entity_poly.pdbx_seq_one_letter_code 
_entity_poly.pdbx_seq_one_letter_code_can 
_entity_poly.pdbx_strand_id 
_entity_poly.pdbx_target_identifier 
1 'polypeptide(L)' no no 
;LRQCLPCGPGGKGRCFGPSICCGDELGCFVGTAEALRCQEENYLPSPCQSGQKPCGSGGRCAAAGICCNDESCVTEPECR
EGVGFPRRV
;
;LRQCLPCGPGGKGRCFGPSICCGDELGCFVGTAEALRCQEENYLPSPCQSGQKPCGSGGRCAAAGICCNDESCVTEPECR
EGVGFPRRV
;
A ? 
2 'polypeptide(L)' no no CYFQNCPKG                                                                                    CYFQNCPKG B 
? 
# 
loop_
_pdbx_entity_nonpoly.entity_id 
_pdbx_entity_nonpoly.name 
_pdbx_entity_nonpoly.comp_id 
3 'CADMIUM ION' CD  
4 water         HOH 
# 
loop_
_entity_poly_seq.entity_id 
_entity_poly_seq.num 
_entity_poly_seq.mon_id 
_entity_poly_seq.hetero 
1 1  LEU n 
1 2  ARG n 
1 3  GLN n 
1 4  CYS n 
1 5  LEU n 
1 6  PRO n 
1 7  CYS n 
1 8  GLY n 
1 9  PRO n 
1 10 GLY n 
1 11 GLY n 
1 12 LYS n 
1 13 GLY n 
1 14 ARG n 
1 15 CYS n 
1 16 PHE n 
1 17 GLY n 
1 18 PRO n 
1 19 SER n 
1 20 ILE n 
1 21 CYS n 
1 22 CYS n 
1 23 GLY n 
1 24 ASP n 
1 25 GLU n 
1 26 LEU n 
1 27 GLY n 
1 28 CYS n 
1 29 PHE n 
1 30 VAL n 
1 31 GLY n 
1 32 THR n 
1 33 ALA n 
1 34 GLU n 
1 35 ALA n 
1 36 LEU n 
1 37 ARG n 
1 38 CYS n 
1 39 GLN n 
1 40 GLU n 
1 41 GLU n 
1 42 ASN n 
1 43 TYR n 
1 44 LEU n 
1 45 PRO n 
1 46 SER n 
1 47 PRO n 
1 48 CYS n 
1 49 GLN n 
1 50 SER n 
1 51 GLY n 
1 52 GLN n 
1 53 LYS n 
1 54 PRO n 
1 55 CYS n 
1 56 GLY n 
1 57 SER n 
1 58 GLY n 
1 59 GLY n 
1 60 ARG n 
1 61 CYS n 
1 62 ALA n 
1 63 ALA n 
1 64 ALA n 
1 65 GLY n 
1 66 ILE n 
1 67 CYS n 
1 68 CYS n 
1 69 ASN n 
1 70 ASP n 
1 71 GLU n 
1 72 SER n 
1 73 CYS n 
1 74 VAL n 
1 75 THR n 
1 76 GLU n 
1 77 PRO n 
1 78 GLU n 
1 79 CYS n 
1 80 ARG n 
1 81 GLU n 
1 82 GLY n 
1 83 VAL n 
1 84 GLY n 
1 85 PHE n 
1 86 PRO n 
1 87 ARG n 
1 88 ARG n 
1 89 VAL n 
2 1  CYS n 
2 2  TYR n 
2 3  PHE n 
2 4  GLN n 
2 5  ASN n 
2 6  CYS n 
2 7  PRO n 
2 8  LYS n 
2 9  GLY n 
# 
_entity_src_nat.entity_id                  1 
_entity_src_nat.pdbx_src_id                1 
_entity_src_nat.pdbx_alt_source_flag       sample 
_entity_src_nat.pdbx_beg_seq_num           ? 
_entity_src_nat.pdbx_end_seq_num           ? 
_entity_src_nat.common_name                cattle 
_entity_src_nat.pdbx_organism_scientific   'Bos taurus' 
_entity_src_nat.pdbx_ncbi_taxonomy_id      9913 
_entity_src_nat.genus                      Bos 
_entity_src_nat.species                    ? 
_entity_src_nat.strain                     ? 
_entity_src_nat.tissue                     ? 
_entity_src_nat.tissue_fraction            ? 
_entity_src_nat.pdbx_secretion             ? 
_entity_src_nat.pdbx_fragment              ? 
_entity_src_nat.pdbx_variant               ? 
_entity_src_nat.pdbx_cell_line             ? 
_entity_src_nat.pdbx_atcc                  ? 
_entity_src_nat.pdbx_cellular_location     ? 
_entity_src_nat.pdbx_organ                 ? 
_entity_src_nat.pdbx_organelle             ? 
_entity_src_nat.pdbx_cell                  ? 
_entity_src_nat.pdbx_plasmid_name          ? 
_entity_src_nat.pdbx_plasmid_details       ? 
_entity_src_nat.details                    'Posterior Pituitary gland' 
# 
_pdbx_entity_src_syn.entity_id              2 
_pdbx_entity_src_syn.pdbx_src_id            1 
_pdbx_entity_src_syn.pdbx_alt_source_flag   sample 
_pdbx_entity_src_syn.pdbx_beg_seq_num       ? 
_pdbx_entity_src_syn.pdbx_end_seq_num       ? 
_pdbx_entity_src_syn.organism_scientific    ? 
_pdbx_entity_src_syn.organism_common_name   ? 
_pdbx_entity_src_syn.ncbi_taxonomy_id       ? 
_pdbx_entity_src_syn.details                
'This peptide was chemically synthesized. The sequence of the peptide is naturally found in Bos taurus (bovine).' 
# 
loop_
_chem_comp.id 
_chem_comp.type 
_chem_comp.mon_nstd_flag 
_chem_comp.name 
_chem_comp.pdbx_synonyms 
_chem_comp.formula 
_chem_comp.formula_weight 
ALA 'L-peptide linking' y ALANINE         ? 'C3 H7 N O2'     89.093  
ARG 'L-peptide linking' y ARGININE        ? 'C6 H15 N4 O2 1' 175.209 
ASN 'L-peptide linking' y ASPARAGINE      ? 'C4 H8 N2 O3'    132.118 
ASP 'L-peptide linking' y 'ASPARTIC ACID' ? 'C4 H7 N O4'     133.103 
CD  non-polymer         . 'CADMIUM ION'   ? 'Cd 2'           112.411 
CYS 'L-peptide linking' y CYSTEINE        ? 'C3 H7 N O2 S'   121.158 
GLN 'L-peptide linking' y GLUTAMINE       ? 'C5 H10 N2 O3'   146.144 
GLU 'L-peptide linking' y 'GLUTAMIC ACID' ? 'C5 H9 N O4'     147.129 
GLY 'peptide linking'   y GLYCINE         ? 'C2 H5 N O2'     75.067  
HOH non-polymer         . WATER           ? 'H2 O'           18.015  
ILE 'L-peptide linking' y ISOLEUCINE      ? 'C6 H13 N O2'    131.173 
LEU 'L-peptide linking' y LEUCINE         ? 'C6 H13 N O2'    131.173 
LYS 'L-peptide linking' y LYSINE          ? 'C6 H15 N2 O2 1' 147.195 
PHE 'L-peptide linking' y PHENYLALANINE   ? 'C9 H11 N O2'    165.189 
PRO 'L-peptide linking' y PROLINE         ? 'C5 H9 N O2'     115.130 
SER 'L-peptide linking' y SERINE          ? 'C3 H7 N O3'     105.093 
THR 'L-peptide linking' y THREONINE       ? 'C4 H9 N O3'     119.119 
TYR 'L-peptide linking' y TYROSINE        ? 'C9 H11 N O3'    181.189 
VAL 'L-peptide linking' y VALINE          ? 'C5 H11 N O2'    117.146 
# 
loop_
_pdbx_poly_seq_scheme.asym_id 
_pdbx_poly_seq_scheme.entity_id 
_pdbx_poly_seq_scheme.seq_id 
_pdbx_poly_seq_scheme.mon_id 
_pdbx_poly_seq_scheme.ndb_seq_num 
_pdbx_poly_seq_scheme.pdb_seq_num 
_pdbx_poly_seq_scheme.auth_seq_num 
_pdbx_poly_seq_scheme.pdb_mon_id 
_pdbx_poly_seq_scheme.auth_mon_id 
_pdbx_poly_seq_scheme.pdb_strand_id 
_pdbx_poly_seq_scheme.pdb_ins_code 
_pdbx_poly_seq_scheme.hetero 
A 1 1  LEU 1  7  7  LEU LEU A . n 
A 1 2  ARG 2  8  8  ARG ARG A . n 
A 1 3  GLN 3  9  9  GLN GLN A . n 
A 1 4  CYS 4  10 10 CYS CYS A . n 
A 1 5  LEU 5  11 11 LEU LEU A . n 
A 1 6  PRO 6  12 12 PRO PRO A . n 
A 1 7  CYS 7  13 13 CYS CYS A . n 
A 1 8  GLY 8  14 14 GLY GLY A . n 
A 1 9  PRO 9  15 15 PRO PRO A . n 
A 1 10 GLY 10 16 16 GLY GLY A . n 
A 1 11 GLY 11 17 17 GLY GLY A . n 
A 1 12 LYS 12 18 18 LYS LYS A . n 
A 1 13 GLY 13 19 19 GLY GLY A . n 
A 1 14 ARG 14 20 20 ARG ARG A . n 
A 1 15 CYS 15 21 21 CYS CYS A . n 
A 1 16 PHE 16 22 22 PHE PHE A . n 
A 1 17 GLY 17 23 23 GLY GLY A . n 
A 1 18 PRO 18 24 24 PRO PRO A . n 
A 1 19 SER 19 25 25 SER SER A . n 
A 1 20 ILE 20 26 26 ILE ILE A . n 
A 1 21 CYS 21 27 27 CYS CYS A . n 
A 1 22 CYS 22 28 28 CYS CYS A . n 
A 1 23 GLY 23 29 29 GLY GLY A . n 
A 1 24 ASP 24 30 30 ASP ASP A . n 
A 1 25 GLU 25 31 31 GLU GLU A . n 
A 1 26 LEU 26 32 32 LEU LEU A . n 
A 1 27 GLY 27 33 33 GLY GLY A . n 
A 1 28 CYS 28 34 34 CYS CYS A . n 
A 1 29 PHE 29 35 35 PHE PHE A . n 
A 1 30 VAL 30 36 36 VAL VAL A . n 
A 1 31 GLY 31 37 37 GLY GLY A . n 
A 1 32 THR 32 38 38 THR THR A . n 
A 1 33 ALA 33 39 39 ALA ALA A . n 
A 1 34 GLU 34 40 40 GLU GLU A . n 
A 1 35 ALA 35 41 41 ALA ALA A . n 
A 1 36 LEU 36 42 42 LEU LEU A . n 
A 1 37 ARG 37 43 43 ARG ARG A . n 
A 1 38 CYS 38 44 44 CYS CYS A . n 
A 1 39 GLN 39 45 45 GLN GLN A . n 
A 1 40 GLU 40 46 46 GLU GLU A . n 
A 1 41 GLU 41 47 47 GLU GLU A . n 
A 1 42 ASN 42 48 48 ASN ASN A . n 
A 1 43 TYR 43 49 49 TYR TYR A . n 
A 1 44 LEU 44 50 50 LEU LEU A . n 
A 1 45 PRO 45 51 51 PRO PRO A . n 
A 1 46 SER 46 52 52 SER SER A . n 
A 1 47 PRO 47 53 53 PRO PRO A . n 
A 1 48 CYS 48 54 54 CYS CYS A . n 
A 1 49 GLN 49 55 55 GLN GLN A . n 
A 1 50 SER 50 56 56 SER SER A . n 
A 1 51 GLY 51 57 57 GLY GLY A . n 
A 1 52 GLN 52 58 58 GLN GLN A . n 
A 1 53 LYS 53 59 59 LYS LYS A . n 
A 1 54 PRO 54 60 60 PRO PRO A . n 
A 1 55 CYS 55 61 61 CYS CYS A . n 
A 1 56 GLY 56 62 62 GLY GLY A . n 
A 1 57 SER 57 63 63 SER SER A . n 
A 1 58 GLY 58 64 64 GLY GLY A . n 
A 1 59 GLY 59 65 65 GLY GLY A . n 
A 1 60 ARG 60 66 66 ARG ARG A . n 
A 1 61 CYS 61 67 67 CYS CYS A . n 
A 1 62 ALA 62 68 68 ALA ALA A . n 
A 1 63 ALA 63 69 69 ALA ALA A . n 
A 1 64 ALA 64 70 70 ALA ALA A . n 
A 1 65 GLY 65 71 71 GLY GLY A . n 
A 1 66 ILE 66 72 72 ILE ILE A . n 
A 1 67 CYS 67 73 73 CYS CYS A . n 
A 1 68 CYS 68 74 74 CYS CYS A . n 
A 1 69 ASN 69 75 75 ASN ASN A . n 
A 1 70 ASP 70 76 76 ASP ASP A . n 
A 1 71 GLU 71 77 77 GLU GLU A . n 
A 1 72 SER 72 78 78 SER SER A . n 
A 1 73 CYS 73 79 79 CYS CYS A . n 
A 1 74 VAL 74 80 80 VAL VAL A . n 
A 1 75 THR 75 81 81 THR THR A . n 
A 1 76 GLU 76 82 82 GLU GLU A . n 
A 1 77 PRO 77 83 83 PRO PRO A . n 
A 1 78 GLU 78 84 84 GLU GLU A . n 
A 1 79 CYS 79 85 85 CYS CYS A . n 
A 1 80 ARG 80 86 ?  ?   ?   A . n 
A 1 81 GLU 81 87 ?  ?   ?   A . n 
A 1 82 GLY 82 88 ?  ?   ?   A . n 
A 1 83 VAL 83 89 ?  ?   ?   A . n 
A 1 84 GLY 84 90 ?  ?   ?   A . n 
A 1 85 PHE 85 91 ?  ?   ?   A . n 
A 1 86 PRO 86 92 ?  ?   ?   A . n 
A 1 87 ARG 87 93 ?  ?   ?   A . n 
A 1 88 ARG 88 94 ?  ?   ?   A . n 
A 1 89 VAL 89 95 ?  ?   ?   A . n 
B 2 1  CYS 1  1  1  CYS CYS B . n 
B 2 2  TYR 2  2  2  TYR TYR B . n 
B 2 3  PHE 3  3  3  PHE PHE B . n 
B 2 4  GLN 4  4  4  GLN GLN B . n 
B 2 5  ASN 5  5  5  ASN ASN B . n 
B 2 6  CYS 6  6  6  CYS CYS B . n 
B 2 7  PRO 7  7  ?  ?   ?   B . n 
B 2 8  LYS 8  8  ?  ?   ?   B . n 
B 2 9  GLY 9  9  ?  ?   ?   B . n 
# 
loop_
_pdbx_nonpoly_scheme.asym_id 
_pdbx_nonpoly_scheme.entity_id 
_pdbx_nonpoly_scheme.mon_id 
_pdbx_nonpoly_scheme.ndb_seq_num 
_pdbx_nonpoly_scheme.pdb_seq_num 
_pdbx_nonpoly_scheme.auth_seq_num 
_pdbx_nonpoly_scheme.pdb_mon_id 
_pdbx_nonpoly_scheme.auth_mon_id 
_pdbx_nonpoly_scheme.pdb_strand_id 
_pdbx_nonpoly_scheme.pdb_ins_code 
C 3 CD  1  301 1   CD  CD  A . 
D 3 CD  1  302 2   CD  CD  A . 
E 3 CD  1  303 3   CD  CD  A . 
F 4 HOH 1  203 203 HOH HOH A . 
F 4 HOH 2  204 204 HOH HOH A . 
F 4 HOH 3  208 208 HOH HOH A . 
F 4 HOH 4  210 210 HOH HOH A . 
F 4 HOH 5  216 216 HOH HOH A . 
F 4 HOH 6  220 220 HOH HOH A . 
F 4 HOH 7  225 225 HOH HOH A . 
F 4 HOH 8  227 227 HOH HOH A . 
F 4 HOH 9  228 228 HOH HOH A . 
F 4 HOH 10 231 231 HOH HOH A . 
F 4 HOH 11 233 233 HOH HOH A . 
F 4 HOH 12 234 234 HOH HOH A . 
F 4 HOH 13 237 237 HOH HOH A . 
F 4 HOH 14 251 251 HOH HOH A . 
F 4 HOH 15 252 252 HOH HOH A . 
F 4 HOH 16 253 253 HOH HOH A . 
F 4 HOH 17 259 259 HOH HOH A . 
F 4 HOH 18 261 261 HOH HOH A . 
F 4 HOH 19 265 265 HOH HOH A . 
F 4 HOH 20 266 266 HOH HOH A . 
F 4 HOH 21 278 278 HOH HOH A . 
F 4 HOH 22 280 280 HOH HOH A . 
F 4 HOH 23 281 281 HOH HOH A . 
F 4 HOH 24 282 282 HOH HOH A . 
F 4 HOH 25 284 284 HOH HOH A . 
G 4 HOH 1  201 201 HOH HOH B . 
G 4 HOH 2  212 212 HOH HOH B . 
G 4 HOH 3  218 218 HOH HOH B . 
G 4 HOH 4  226 226 HOH HOH B . 
# 
loop_
_pdbx_unobs_or_zero_occ_atoms.id 
_pdbx_unobs_or_zero_occ_atoms.PDB_model_num 
_pdbx_unobs_or_zero_occ_atoms.polymer_flag 
_pdbx_unobs_or_zero_occ_atoms.occupancy_flag 
_pdbx_unobs_or_zero_occ_atoms.auth_asym_id 
_pdbx_unobs_or_zero_occ_atoms.auth_comp_id 
_pdbx_unobs_or_zero_occ_atoms.auth_seq_id 
_pdbx_unobs_or_zero_occ_atoms.PDB_ins_code 
_pdbx_unobs_or_zero_occ_atoms.auth_atom_id 
_pdbx_unobs_or_zero_occ_atoms.label_alt_id 
_pdbx_unobs_or_zero_occ_atoms.label_asym_id 
_pdbx_unobs_or_zero_occ_atoms.label_comp_id 
_pdbx_unobs_or_zero_occ_atoms.label_seq_id 
_pdbx_unobs_or_zero_occ_atoms.label_atom_id 
1 1 Y 1 A LYS 18 ? CD ? A LYS 12 CD 
2 1 Y 1 A LYS 18 ? CE ? A LYS 12 CE 
3 1 Y 1 A LYS 18 ? NZ ? A LYS 12 NZ 
# 
loop_
_software.name 
_software.classification 
_software.version 
_software.citation_id 
_software.pdbx_ordinal 
MAR345 'data collection' .   ? 1 
X-GEN  'data reduction'  .   ? 2 
AMoRE  phasing           .   ? 3 
X-PLOR refinement        3.1 ? 4 
X-GEN  'data scaling'    .   ? 5 
# 
_cell.entry_id           1JK4 
_cell.length_a           50.900 
_cell.length_b           50.900 
_cell.length_c           105.800 
_cell.angle_alpha        90.00 
_cell.angle_beta         90.00 
_cell.angle_gamma        120.00 
_cell.Z_PDB              12 
_cell.pdbx_unique_axis   ? 
# 
_symmetry.entry_id                         1JK4 
_symmetry.space_group_name_H-M             'P 61 2 2' 
_symmetry.pdbx_full_space_group_name_H-M   ? 
_symmetry.cell_setting                     ? 
_symmetry.Int_Tables_number                178 
# 
_exptl.entry_id          1JK4 
_exptl.method            'X-RAY DIFFRACTION' 
_exptl.crystals_number   1 
# 
_exptl_crystal.id                    1 
_exptl_crystal.density_meas          ? 
_exptl_crystal.density_Matthews      1.92 
_exptl_crystal.density_percent_sol   35.88 
_exptl_crystal.description           ? 
# 
_exptl_crystal_grow.crystal_id      1 
_exptl_crystal_grow.method          'VAPOR DIFFUSION, HANGING DROP' 
_exptl_crystal_grow.temp            277 
_exptl_crystal_grow.temp_details    ? 
_exptl_crystal_grow.pH              7.5 
_exptl_crystal_grow.pdbx_details    
;1M sodium formate, 0.1M HEPES, 10% glycerol, 1:5 molar ratio of vasopressin to neurophysin, pH 7.5, VAPOR DIFFUSION, HANGING DROP, temperature 277K
;
_exptl_crystal_grow.pdbx_pH_range   ? 
# 
_diffrn.id                     1 
_diffrn.ambient_temp           110 
_diffrn.ambient_temp_details   ? 
_diffrn.crystal_id             1 
# 
_diffrn_detector.diffrn_id              1 
_diffrn_detector.detector               'IMAGE PLATE' 
_diffrn_detector.type                   MARRESEARCH 
_diffrn_detector.pdbx_collection_date   1996-07-01 
_diffrn_detector.details                YALE/MSC 
# 
_diffrn_radiation.diffrn_id                        1 
_diffrn_radiation.wavelength_id                    1 
_diffrn_radiation.pdbx_monochromatic_or_laue_m_l   M 
_diffrn_radiation.monochromator                    'Ni Filter' 
_diffrn_radiation.pdbx_diffrn_protocol             'SINGLE WAVELENGTH' 
_diffrn_radiation.pdbx_scattering_type             x-ray 
# 
_diffrn_radiation_wavelength.id           1 
_diffrn_radiation_wavelength.wavelength   1.5418 
_diffrn_radiation_wavelength.wt           1.0 
# 
_diffrn_source.diffrn_id                   1 
_diffrn_source.source                      'ROTATING ANODE' 
_diffrn_source.type                        'RIGAKU RUH3R' 
_diffrn_source.pdbx_synchrotron_site       ? 
_diffrn_source.pdbx_synchrotron_beamline   ? 
_diffrn_source.pdbx_wavelength             1.5418 
_diffrn_source.pdbx_wavelength_list        ? 
# 
_reflns.entry_id                     1JK4 
_reflns.observed_criterion_sigma_I   ? 
_reflns.observed_criterion_sigma_F   -3 
_reflns.d_resolution_low             999. 
_reflns.d_resolution_high            2.3 
_reflns.number_obs                   ? 
_reflns.number_all                   ? 
_reflns.percent_possible_obs         96.2 
_reflns.pdbx_Rmerge_I_obs            0.058 
_reflns.pdbx_Rsym_value              ? 
_reflns.pdbx_netI_over_sigmaI        ? 
_reflns.B_iso_Wilson_estimate        ? 
_reflns.pdbx_redundancy              ? 
_reflns.R_free_details               ? 
_reflns.limit_h_max                  ? 
_reflns.limit_h_min                  ? 
_reflns.limit_k_max                  ? 
_reflns.limit_k_min                  ? 
_reflns.limit_l_max                  ? 
_reflns.limit_l_min                  ? 
_reflns.observed_criterion_F_max     ? 
_reflns.observed_criterion_F_min     ? 
_reflns.pdbx_diffrn_id               1 
_reflns.pdbx_ordinal                 1 
# 
_refine.entry_id                                 1JK4 
_refine.ls_number_reflns_obs                     6467 
_refine.ls_number_reflns_all                     6467 
_refine.pdbx_ls_sigma_I                          ? 
_refine.pdbx_ls_sigma_F                          0.0 
_refine.pdbx_data_cutoff_high_absF               ? 
_refine.pdbx_data_cutoff_low_absF                ? 
_refine.ls_d_res_low                             15.0 
_refine.ls_d_res_high                            2.3 
_refine.ls_percent_reflns_obs                    92.2 
_refine.ls_R_factor_obs                          0.234 
_refine.ls_R_factor_all                          0.234 
_refine.ls_R_factor_R_work                       0.234 
_refine.ls_R_factor_R_free                       0.299 
_refine.ls_R_factor_R_free_error                 ? 
_refine.ls_R_factor_R_free_error_details         ? 
_refine.ls_percent_reflns_R_free                 5.0 
_refine.ls_number_reflns_R_free                  542 
_refine.ls_number_parameters                     ? 
_refine.ls_number_restraints                     ? 
_refine.occupancy_min                            ? 
_refine.occupancy_max                            ? 
_refine.B_iso_mean                               26.6 
_refine.aniso_B[1][1]                            ? 
_refine.aniso_B[2][2]                            ? 
_refine.aniso_B[3][3]                            ? 
_refine.aniso_B[1][2]                            ? 
_refine.aniso_B[1][3]                            ? 
_refine.aniso_B[2][3]                            ? 
_refine.solvent_model_details                    ? 
_refine.solvent_model_param_ksol                 ? 
_refine.solvent_model_param_bsol                 ? 
_refine.pdbx_ls_cross_valid_method               ? 
_refine.details                                  ? 
_refine.pdbx_starting_model                      'PDB ENTRY 2BN2' 
_refine.pdbx_method_to_determine_struct          'MOLECULAR REPLACEMENT' 
_refine.pdbx_isotropic_thermal_model             ? 
_refine.pdbx_stereochemistry_target_values       'Engh & Huber' 
_refine.pdbx_stereochem_target_val_spec_case     ? 
_refine.pdbx_R_Free_selection_details            RANDOM 
_refine.pdbx_overall_ESU_R_Free                  ? 
_refine.overall_SU_B                             ? 
_refine.ls_redundancy_reflns_obs                 ? 
_refine.B_iso_min                                ? 
_refine.B_iso_max                                ? 
_refine.correlation_coeff_Fo_to_Fc               ? 
_refine.overall_SU_R_Cruickshank_DPI             ? 
_refine.overall_SU_R_free                        ? 
_refine.overall_SU_ML                            ? 
_refine.pdbx_overall_ESU_R                       ? 
_refine.pdbx_data_cutoff_high_rms_absF           ? 
_refine.correlation_coeff_Fo_to_Fc_free          ? 
_refine.pdbx_solvent_vdw_probe_radii             ? 
_refine.pdbx_solvent_ion_probe_radii             ? 
_refine.pdbx_solvent_shrinkage_radii             ? 
_refine.pdbx_refine_id                           'X-RAY DIFFRACTION' 
_refine.pdbx_diffrn_id                           1 
_refine.pdbx_TLS_residual_ADP_flag               ? 
_refine.pdbx_overall_phase_error                 ? 
_refine.pdbx_overall_SU_R_free_Cruickshank_DPI   ? 
_refine.pdbx_overall_SU_R_Blow_DPI               ? 
_refine.pdbx_overall_SU_R_free_Blow_DPI          ? 
# 
_refine_analyze.entry_id                        1JK4 
_refine_analyze.Luzzati_coordinate_error_obs    0.3 
_refine_analyze.Luzzati_sigma_a_obs             ? 
_refine_analyze.Luzzati_d_res_low_obs           ? 
_refine_analyze.Luzzati_coordinate_error_free   ? 
_refine_analyze.Luzzati_sigma_a_free            ? 
_refine_analyze.Luzzati_d_res_low_free          ? 
_refine_analyze.number_disordered_residues      ? 
_refine_analyze.occupancy_sum_hydrogen          ? 
_refine_analyze.occupancy_sum_non_hydrogen      ? 
_refine_analyze.pdbx_Luzzati_d_res_high_obs     ? 
_refine_analyze.pdbx_refine_id                  'X-RAY DIFFRACTION' 
# 
_refine_hist.pdbx_refine_id                   'X-RAY DIFFRACTION' 
_refine_hist.cycle_id                         LAST 
_refine_hist.pdbx_number_atoms_protein        600 
_refine_hist.pdbx_number_atoms_nucleic_acid   0 
_refine_hist.pdbx_number_atoms_ligand         3 
_refine_hist.number_atoms_solvent             29 
_refine_hist.number_atoms_total               632 
_refine_hist.d_res_high                       2.3 
_refine_hist.d_res_low                        15.0 
# 
loop_
_refine_ls_restr.type 
_refine_ls_restr.dev_ideal 
_refine_ls_restr.dev_ideal_target 
_refine_ls_restr.weight 
_refine_ls_restr.number 
_refine_ls_restr.pdbx_refine_id 
_refine_ls_restr.pdbx_restraint_function 
x_bond_d           0.010 ? ? ? 'X-RAY DIFFRACTION' ? 
x_angle_deg        1.5   ? ? ? 'X-RAY DIFFRACTION' ? 
x_dihedral_angle_d 26.6  ? ? ? 'X-RAY DIFFRACTION' ? 
x_improper_angle_d 1.33  ? ? ? 'X-RAY DIFFRACTION' ? 
# 
_pdbx_xplor_file.serial_no        1 
_pdbx_xplor_file.param_file       PARCSDX.PRO 
_pdbx_xplor_file.topol_file       TOPCSDX.PRO 
_pdbx_xplor_file.pdbx_refine_id   'X-RAY DIFFRACTION' 
# 
_struct.entry_id                  1JK4 
_struct.title                     'DES 1-6 BOVINE NEUROPHYSIN II COMPLEX WITH VASOPRESSIN' 
_struct.pdbx_model_details        ? 
_struct.pdbx_CASP_flag            ? 
_struct.pdbx_model_type_details   ? 
# 
_struct_keywords.entry_id        1JK4 
_struct_keywords.pdbx_keywords   NEUROPEPTIDE 
_struct_keywords.text            'COMPLEX (HORMONE TRANSPORT-HORMONE), HYPOTHALAMUS, NEUROPEPTIDE' 
# 
loop_
_struct_asym.id 
_struct_asym.pdbx_blank_PDB_chainid_flag 
_struct_asym.pdbx_modified 
_struct_asym.entity_id 
_struct_asym.details 
A N N 1 ? 
B N N 2 ? 
C N N 3 ? 
D N N 3 ? 
E N N 3 ? 
F N N 4 ? 
G N N 4 ? 
# 
loop_
_struct_ref.id 
_struct_ref.db_name 
_struct_ref.db_code 
_struct_ref.entity_id 
_struct_ref.pdbx_seq_one_letter_code 
_struct_ref.pdbx_align_begin 
_struct_ref.pdbx_db_accession 
_struct_ref.pdbx_db_isoform 
1 UNP NEU2_BOVIN 1 
;LRQCLPCGPGGKGRCFGPSICCGDELGCFVGTAEALRCQEENYLPSPCQSGQKPCGSGGRCAAAGICCNDESCVTEPECR
EGVGFPRRV
;
38 P01180 ? 
2 GB  229092     2 CYFQNCPKG                                                                                    1  229092 ? 
# 
loop_
_struct_ref_seq.align_id 
_struct_ref_seq.ref_id 
_struct_ref_seq.pdbx_PDB_id_code 
_struct_ref_seq.pdbx_strand_id 
_struct_ref_seq.seq_align_beg 
_struct_ref_seq.pdbx_seq_align_beg_ins_code 
_struct_ref_seq.seq_align_end 
_struct_ref_seq.pdbx_seq_align_end_ins_code 
_struct_ref_seq.pdbx_db_accession 
_struct_ref_seq.db_align_beg 
_struct_ref_seq.pdbx_db_align_beg_ins_code 
_struct_ref_seq.db_align_end 
_struct_ref_seq.pdbx_db_align_end_ins_code 
_struct_ref_seq.pdbx_auth_seq_align_beg 
_struct_ref_seq.pdbx_auth_seq_align_end 
1 1 1JK4 A 1 ? 89 ? P01180 38 ? 126 ? 7 95 
2 2 1JK4 B 1 ? 9  ? 229092 1  ? 9   ? 1 9  
# 
_pdbx_struct_assembly.id                   1 
_pdbx_struct_assembly.details              author_defined_assembly 
_pdbx_struct_assembly.method_details       ? 
_pdbx_struct_assembly.oligomeric_details   tetrameric 
_pdbx_struct_assembly.oligomeric_count     4 
# 
_pdbx_struct_assembly_gen.assembly_id       1 
_pdbx_struct_assembly_gen.oper_expression   1,2 
_pdbx_struct_assembly_gen.asym_id_list      A,B,C,D,E,F,G 
# 
loop_
_pdbx_struct_oper_list.id 
_pdbx_struct_oper_list.type 
_pdbx_struct_oper_list.name 
_pdbx_struct_oper_list.symmetry_operation 
_pdbx_struct_oper_list.matrix[1][1] 
_pdbx_struct_oper_list.matrix[1][2] 
_pdbx_struct_oper_list.matrix[1][3] 
_pdbx_struct_oper_list.vector[1] 
_pdbx_struct_oper_list.matrix[2][1] 
_pdbx_struct_oper_list.matrix[2][2] 
_pdbx_struct_oper_list.matrix[2][3] 
_pdbx_struct_oper_list.vector[2] 
_pdbx_struct_oper_list.matrix[3][1] 
_pdbx_struct_oper_list.matrix[3][2] 
_pdbx_struct_oper_list.matrix[3][3] 
_pdbx_struct_oper_list.vector[3] 
1 'identity operation'         1_555  x,y,z        1.0000000000 0.0000000000 0.0000000000 0.0000000000   0.0000000000 1.0000000000  0.0000000000 0.0000000000  0.0000000000 0.0000000000 1.0000000000  0.0000000000 
2 'crystal symmetry operation' 10_554 -y,-x,-z-1/6 0.0229092459 0.7833482849 0.6211607127 -12.7933335417 0.7833482849 -0.4001085258 0.4756875362 15.2383158821 0.6211607127 0.4756875362 -0.6228007201 1.8505847679 
# 
loop_
_struct_conf.conf_type_id 
_struct_conf.id 
_struct_conf.pdbx_PDB_helix_id 
_struct_conf.beg_label_comp_id 
_struct_conf.beg_label_asym_id 
_struct_conf.beg_label_seq_id 
_struct_conf.pdbx_beg_PDB_ins_code 
_struct_conf.end_label_comp_id 
_struct_conf.end_label_asym_id 
_struct_conf.end_label_seq_id 
_struct_conf.pdbx_end_PDB_ins_code 
_struct_conf.beg_auth_comp_id 
_struct_conf.beg_auth_asym_id 
_struct_conf.beg_auth_seq_id 
_struct_conf.end_auth_comp_id 
_struct_conf.end_auth_asym_id 
_struct_conf.end_auth_seq_id 
_struct_conf.pdbx_PDB_helix_class 
_struct_conf.details 
_struct_conf.pdbx_PDB_helix_length 
HELX_P HELX_P1 1 GLY A 8  ? LYS A 12 ? GLY A 14 LYS A 18 5 ? 5  
HELX_P HELX_P2 2 THR A 32 ? LEU A 44 ? THR A 38 LEU A 50 5 ? 13 
# 
_struct_conf_type.id          HELX_P 
_struct_conf_type.criteria    ? 
_struct_conf_type.reference   ? 
# 
loop_
_struct_conn.id 
_struct_conn.conn_type_id 
_struct_conn.pdbx_leaving_atom_flag 
_struct_conn.pdbx_PDB_id 
_struct_conn.ptnr1_label_asym_id 
_struct_conn.ptnr1_label_comp_id 
_struct_conn.ptnr1_label_seq_id 
_struct_conn.ptnr1_label_atom_id 
_struct_conn.pdbx_ptnr1_label_alt_id 
_struct_conn.pdbx_ptnr1_PDB_ins_code 
_struct_conn.pdbx_ptnr1_standard_comp_id 
_struct_conn.ptnr1_symmetry 
_struct_conn.ptnr2_label_asym_id 
_struct_conn.ptnr2_label_comp_id 
_struct_conn.ptnr2_label_seq_id 
_struct_conn.ptnr2_label_atom_id 
_struct_conn.pdbx_ptnr2_label_alt_id 
_struct_conn.pdbx_ptnr2_PDB_ins_code 
_struct_conn.ptnr1_auth_asym_id 
_struct_conn.ptnr1_auth_comp_id 
_struct_conn.ptnr1_auth_seq_id 
_struct_conn.ptnr2_auth_asym_id 
_struct_conn.ptnr2_auth_comp_id 
_struct_conn.ptnr2_auth_seq_id 
_struct_conn.ptnr2_symmetry 
_struct_conn.pdbx_ptnr3_label_atom_id 
_struct_conn.pdbx_ptnr3_label_seq_id 
_struct_conn.pdbx_ptnr3_label_comp_id 
_struct_conn.pdbx_ptnr3_label_asym_id 
_struct_conn.pdbx_ptnr3_label_alt_id 
_struct_conn.pdbx_ptnr3_PDB_ins_code 
_struct_conn.details 
_struct_conn.pdbx_dist_value 
_struct_conn.pdbx_value_order 
_struct_conn.pdbx_role 
disulf1  disulf ? ? A CYS 4  SG  ? ? ? 1_555  A CYS 48 SG ? ? A CYS 10  A CYS 54  1_555 ? ? ? ? ? ? ? 2.034 ? ? 
disulf2  disulf ? ? A CYS 7  SG  ? ? ? 1_555  A CYS 21 SG ? ? A CYS 13  A CYS 27  1_555 ? ? ? ? ? ? ? 2.027 ? ? 
disulf3  disulf ? ? A CYS 15 SG  ? ? ? 1_555  A CYS 38 SG ? ? A CYS 21  A CYS 44  1_555 ? ? ? ? ? ? ? 2.027 ? ? 
disulf4  disulf ? ? A CYS 22 SG  ? ? ? 1_555  A CYS 28 SG ? ? A CYS 28  A CYS 34  1_555 ? ? ? ? ? ? ? 2.036 ? ? 
disulf5  disulf ? ? A CYS 55 SG  ? ? ? 1_555  A CYS 67 SG ? ? A CYS 61  A CYS 73  1_555 ? ? ? ? ? ? ? 2.033 ? ? 
disulf6  disulf ? ? A CYS 61 SG  ? ? ? 1_555  A CYS 79 SG ? ? A CYS 67  A CYS 85  1_555 ? ? ? ? ? ? ? 2.041 ? ? 
disulf7  disulf ? ? A CYS 68 SG  ? ? ? 1_555  A CYS 73 SG ? ? A CYS 74  A CYS 79  1_555 ? ? ? ? ? ? ? 2.026 ? ? 
disulf8  disulf ? ? B CYS 1  SG  ? ? ? 1_555  B CYS 6  SG ? ? B CYS 1   B CYS 6   1_555 ? ? ? ? ? ? ? 2.029 ? ? 
metalc1  metalc ? ? A LEU 1  O   ? ? ? 1_555  E CD  .  CD ? ? A LEU 7   A CD  303 1_555 ? ? ? ? ? ? ? 2.364 ? ? 
metalc2  metalc ? ? A ASP 24 OD2 ? ? ? 9_654  D CD  .  CD ? ? A ASP 30  A CD  302 1_555 ? ? ? ? ? ? ? 2.249 ? ? 
metalc3  metalc ? ? A ASP 24 OD1 ? ? ? 9_654  D CD  .  CD ? ? A ASP 30  A CD  302 1_555 ? ? ? ? ? ? ? 2.944 ? ? 
metalc4  metalc ? ? A GLU 25 OE1 ? ? ? 9_654  C CD  .  CD ? ? A GLU 31  A CD  301 1_555 ? ? ? ? ? ? ? 2.626 ? ? 
metalc5  metalc ? ? A GLU 25 OE2 ? ? ? 9_654  C CD  .  CD ? ? A GLU 31  A CD  301 1_555 ? ? ? ? ? ? ? 2.724 ? ? 
metalc6  metalc ? ? A GLU 25 OE2 ? ? ? 9_654  D CD  .  CD ? ? A GLU 31  A CD  302 1_555 ? ? ? ? ? ? ? 2.316 ? ? 
metalc7  metalc ? ? A GLU 40 OE2 ? ? ? 11_654 E CD  .  CD ? ? A GLU 46  A CD  303 1_555 ? ? ? ? ? ? ? 2.875 ? ? 
metalc8  metalc ? ? A GLU 40 OE1 ? ? ? 11_654 E CD  .  CD ? ? A GLU 46  A CD  303 1_555 ? ? ? ? ? ? ? 2.785 ? ? 
metalc9  metalc ? ? A ASP 70 OD1 ? ? ? 1_555  C CD  .  CD ? ? A ASP 76  A CD  301 1_555 ? ? ? ? ? ? ? 2.230 ? ? 
metalc10 metalc ? ? A ASP 70 OD2 ? ? ? 1_555  C CD  .  CD ? ? A ASP 76  A CD  301 1_555 ? ? ? ? ? ? ? 2.477 ? ? 
metalc11 metalc ? ? A GLU 71 OE2 ? ? ? 1_555  D CD  .  CD ? ? A GLU 77  A CD  302 1_555 ? ? ? ? ? ? ? 2.763 ? ? 
metalc12 metalc ? ? A GLU 71 OE1 ? ? ? 1_555  D CD  .  CD ? ? A GLU 77  A CD  302 1_555 ? ? ? ? ? ? ? 2.523 ? ? 
metalc13 metalc ? ? C CD  .  CD  ? ? ? 1_555  G HOH .  O  ? ? A CD  301 B HOH 212 1_555 ? ? ? ? ? ? ? 2.880 ? ? 
# 
loop_
_struct_conn_type.id 
_struct_conn_type.criteria 
_struct_conn_type.reference 
disulf ? ? 
metalc ? ? 
# 
loop_
_pdbx_struct_conn_angle.id 
_pdbx_struct_conn_angle.ptnr1_label_atom_id 
_pdbx_struct_conn_angle.ptnr1_label_alt_id 
_pdbx_struct_conn_angle.ptnr1_label_asym_id 
_pdbx_struct_conn_angle.ptnr1_label_comp_id 
_pdbx_struct_conn_angle.ptnr1_label_seq_id 
_pdbx_struct_conn_angle.ptnr1_auth_atom_id 
_pdbx_struct_conn_angle.ptnr1_auth_asym_id 
_pdbx_struct_conn_angle.ptnr1_auth_comp_id 
_pdbx_struct_conn_angle.ptnr1_auth_seq_id 
_pdbx_struct_conn_angle.ptnr1_PDB_ins_code 
_pdbx_struct_conn_angle.ptnr1_symmetry 
_pdbx_struct_conn_angle.ptnr2_label_atom_id 
_pdbx_struct_conn_angle.ptnr2_label_alt_id 
_pdbx_struct_conn_angle.ptnr2_label_asym_id 
_pdbx_struct_conn_angle.ptnr2_label_comp_id 
_pdbx_struct_conn_angle.ptnr2_label_seq_id 
_pdbx_struct_conn_angle.ptnr2_auth_atom_id 
_pdbx_struct_conn_angle.ptnr2_auth_asym_id 
_pdbx_struct_conn_angle.ptnr2_auth_comp_id 
_pdbx_struct_conn_angle.ptnr2_auth_seq_id 
_pdbx_struct_conn_angle.ptnr2_PDB_ins_code 
_pdbx_struct_conn_angle.ptnr2_symmetry 
_pdbx_struct_conn_angle.ptnr3_label_atom_id 
_pdbx_struct_conn_angle.ptnr3_label_alt_id 
_pdbx_struct_conn_angle.ptnr3_label_asym_id 
_pdbx_struct_conn_angle.ptnr3_label_comp_id 
_pdbx_struct_conn_angle.ptnr3_label_seq_id 
_pdbx_struct_conn_angle.ptnr3_auth_atom_id 
_pdbx_struct_conn_angle.ptnr3_auth_asym_id 
_pdbx_struct_conn_angle.ptnr3_auth_comp_id 
_pdbx_struct_conn_angle.ptnr3_auth_seq_id 
_pdbx_struct_conn_angle.ptnr3_PDB_ins_code 
_pdbx_struct_conn_angle.ptnr3_symmetry 
_pdbx_struct_conn_angle.value 
_pdbx_struct_conn_angle.value_esd 
1  O   ? A LEU 1  ? A LEU 7  ? 1_555  CD ? E CD . ? A CD 303 ? 1_555 OE2 ? A GLU 40 ? A GLU 46  ? 11_654 144.2 ? 
2  O   ? A LEU 1  ? A LEU 7  ? 1_555  CD ? E CD . ? A CD 303 ? 1_555 OE1 ? A GLU 40 ? A GLU 46  ? 11_654 99.5  ? 
3  OE2 ? A GLU 40 ? A GLU 46 ? 11_654 CD ? E CD . ? A CD 303 ? 1_555 OE1 ? A GLU 40 ? A GLU 46  ? 11_654 45.8  ? 
4  OD2 ? A ASP 24 ? A ASP 30 ? 9_654  CD ? D CD . ? A CD 302 ? 1_555 OD1 ? A ASP 24 ? A ASP 30  ? 9_654  48.0  ? 
5  OD2 ? A ASP 24 ? A ASP 30 ? 9_654  CD ? D CD . ? A CD 302 ? 1_555 OE2 ? A GLU 25 ? A GLU 31  ? 9_654  90.9  ? 
6  OD1 ? A ASP 24 ? A ASP 30 ? 9_654  CD ? D CD . ? A CD 302 ? 1_555 OE2 ? A GLU 25 ? A GLU 31  ? 9_654  71.5  ? 
7  OD2 ? A ASP 24 ? A ASP 30 ? 9_654  CD ? D CD . ? A CD 302 ? 1_555 OE2 ? A GLU 71 ? A GLU 77  ? 1_555  145.5 ? 
8  OD1 ? A ASP 24 ? A ASP 30 ? 9_654  CD ? D CD . ? A CD 302 ? 1_555 OE2 ? A GLU 71 ? A GLU 77  ? 1_555  160.9 ? 
9  OE2 ? A GLU 25 ? A GLU 31 ? 9_654  CD ? D CD . ? A CD 302 ? 1_555 OE2 ? A GLU 71 ? A GLU 77  ? 1_555  92.2  ? 
10 OD2 ? A ASP 24 ? A ASP 30 ? 9_654  CD ? D CD . ? A CD 302 ? 1_555 OE1 ? A GLU 71 ? A GLU 77  ? 1_555  96.9  ? 
11 OD1 ? A ASP 24 ? A ASP 30 ? 9_654  CD ? D CD . ? A CD 302 ? 1_555 OE1 ? A GLU 71 ? A GLU 77  ? 1_555  135.7 ? 
12 OE2 ? A GLU 25 ? A GLU 31 ? 9_654  CD ? D CD . ? A CD 302 ? 1_555 OE1 ? A GLU 71 ? A GLU 77  ? 1_555  85.4  ? 
13 OE2 ? A GLU 71 ? A GLU 77 ? 1_555  CD ? D CD . ? A CD 302 ? 1_555 OE1 ? A GLU 71 ? A GLU 77  ? 1_555  49.2  ? 
14 OE1 ? A GLU 25 ? A GLU 31 ? 9_654  CD ? C CD . ? A CD 301 ? 1_555 OE2 ? A GLU 25 ? A GLU 31  ? 9_654  48.2  ? 
15 OE1 ? A GLU 25 ? A GLU 31 ? 9_654  CD ? C CD . ? A CD 301 ? 1_555 OD1 ? A ASP 70 ? A ASP 76  ? 1_555  84.0  ? 
16 OE2 ? A GLU 25 ? A GLU 31 ? 9_654  CD ? C CD . ? A CD 301 ? 1_555 OD1 ? A ASP 70 ? A ASP 76  ? 1_555  128.7 ? 
17 OE1 ? A GLU 25 ? A GLU 31 ? 9_654  CD ? C CD . ? A CD 301 ? 1_555 OD2 ? A ASP 70 ? A ASP 76  ? 1_555  79.2  ? 
18 OE2 ? A GLU 25 ? A GLU 31 ? 9_654  CD ? C CD . ? A CD 301 ? 1_555 OD2 ? A ASP 70 ? A ASP 76  ? 1_555  92.5  ? 
19 OD1 ? A ASP 70 ? A ASP 76 ? 1_555  CD ? C CD . ? A CD 301 ? 1_555 OD2 ? A ASP 70 ? A ASP 76  ? 1_555  55.5  ? 
20 OE1 ? A GLU 25 ? A GLU 31 ? 9_654  CD ? C CD . ? A CD 301 ? 1_555 O   ? G HOH .  ? B HOH 212 ? 1_555  100.3 ? 
21 OE2 ? A GLU 25 ? A GLU 31 ? 9_654  CD ? C CD . ? A CD 301 ? 1_555 O   ? G HOH .  ? B HOH 212 ? 1_555  90.6  ? 
22 OD1 ? A ASP 70 ? A ASP 76 ? 1_555  CD ? C CD . ? A CD 301 ? 1_555 O   ? G HOH .  ? B HOH 212 ? 1_555  119.8 ? 
23 OD2 ? A ASP 70 ? A ASP 76 ? 1_555  CD ? C CD . ? A CD 301 ? 1_555 O   ? G HOH .  ? B HOH 212 ? 1_555  175.3 ? 
# 
loop_
_pdbx_modification_feature.ordinal 
_pdbx_modification_feature.label_comp_id 
_pdbx_modification_feature.label_asym_id 
_pdbx_modification_feature.label_seq_id 
_pdbx_modification_feature.label_alt_id 
_pdbx_modification_feature.modified_residue_label_comp_id 
_pdbx_modification_feature.modified_residue_label_asym_id 
_pdbx_modification_feature.modified_residue_label_seq_id 
_pdbx_modification_feature.modified_residue_label_alt_id 
_pdbx_modification_feature.auth_comp_id 
_pdbx_modification_feature.auth_asym_id 
_pdbx_modification_feature.auth_seq_id 
_pdbx_modification_feature.PDB_ins_code 
_pdbx_modification_feature.symmetry 
_pdbx_modification_feature.modified_residue_auth_comp_id 
_pdbx_modification_feature.modified_residue_auth_asym_id 
_pdbx_modification_feature.modified_residue_auth_seq_id 
_pdbx_modification_feature.modified_residue_PDB_ins_code 
_pdbx_modification_feature.modified_residue_symmetry 
_pdbx_modification_feature.comp_id_linking_atom 
_pdbx_modification_feature.modified_residue_id_linking_atom 
_pdbx_modification_feature.modified_residue_id 
_pdbx_modification_feature.ref_pcm_id 
_pdbx_modification_feature.ref_comp_id 
_pdbx_modification_feature.type 
_pdbx_modification_feature.category 
1 CYS A 4  ? CYS A 48 ? CYS A 10 ? 1_555 CYS A 54 ? 1_555 SG SG . . . None 'Disulfide bridge' 
2 CYS A 7  ? CYS A 21 ? CYS A 13 ? 1_555 CYS A 27 ? 1_555 SG SG . . . None 'Disulfide bridge' 
3 CYS A 15 ? CYS A 38 ? CYS A 21 ? 1_555 CYS A 44 ? 1_555 SG SG . . . None 'Disulfide bridge' 
4 CYS A 22 ? CYS A 28 ? CYS A 28 ? 1_555 CYS A 34 ? 1_555 SG SG . . . None 'Disulfide bridge' 
5 CYS A 55 ? CYS A 67 ? CYS A 61 ? 1_555 CYS A 73 ? 1_555 SG SG . . . None 'Disulfide bridge' 
6 CYS A 61 ? CYS A 79 ? CYS A 67 ? 1_555 CYS A 85 ? 1_555 SG SG . . . None 'Disulfide bridge' 
7 CYS A 68 ? CYS A 73 ? CYS A 74 ? 1_555 CYS A 79 ? 1_555 SG SG . . . None 'Disulfide bridge' 
8 CYS B 1  ? CYS B 6  ? CYS B 1  ? 1_555 CYS B 6  ? 1_555 SG SG . . . None 'Disulfide bridge' 
# 
loop_
_struct_sheet.id 
_struct_sheet.type 
_struct_sheet.number_strands 
_struct_sheet.details 
A ? 4 ? 
B ? 4 ? 
# 
loop_
_struct_sheet_order.sheet_id 
_struct_sheet_order.range_id_1 
_struct_sheet_order.range_id_2 
_struct_sheet_order.offset 
_struct_sheet_order.sense 
A 1 2 ? anti-parallel 
A 2 3 ? anti-parallel 
A 3 4 ? anti-parallel 
B 1 2 ? anti-parallel 
B 2 3 ? anti-parallel 
B 3 4 ? anti-parallel 
# 
loop_
_struct_sheet_range.sheet_id 
_struct_sheet_range.id 
_struct_sheet_range.beg_label_comp_id 
_struct_sheet_range.beg_label_asym_id 
_struct_sheet_range.beg_label_seq_id 
_struct_sheet_range.pdbx_beg_PDB_ins_code 
_struct_sheet_range.end_label_comp_id 
_struct_sheet_range.end_label_asym_id 
_struct_sheet_range.end_label_seq_id 
_struct_sheet_range.pdbx_end_PDB_ins_code 
_struct_sheet_range.beg_auth_comp_id 
_struct_sheet_range.beg_auth_asym_id 
_struct_sheet_range.beg_auth_seq_id 
_struct_sheet_range.end_auth_comp_id 
_struct_sheet_range.end_auth_asym_id 
_struct_sheet_range.end_auth_seq_id 
A 1 PRO A 6  ? CYS A 7  ? PRO A 12 CYS A 13 
A 2 GLY A 13 ? GLY A 17 ? GLY A 19 GLY A 23 
A 3 ILE A 20 ? GLY A 23 ? ILE A 26 GLY A 29 
A 4 GLY A 27 ? VAL A 30 ? GLY A 33 VAL A 36 
B 1 PRO A 54 ? CYS A 55 ? PRO A 60 CYS A 61 
B 2 GLY A 59 ? ALA A 63 ? GLY A 65 ALA A 69 
B 3 ILE A 66 ? CYS A 68 ? ILE A 72 CYS A 74 
B 4 CYS A 73 ? THR A 75 ? CYS A 79 THR A 81 
# 
loop_
_pdbx_struct_sheet_hbond.sheet_id 
_pdbx_struct_sheet_hbond.range_id_1 
_pdbx_struct_sheet_hbond.range_id_2 
_pdbx_struct_sheet_hbond.range_1_label_atom_id 
_pdbx_struct_sheet_hbond.range_1_label_comp_id 
_pdbx_struct_sheet_hbond.range_1_label_asym_id 
_pdbx_struct_sheet_hbond.range_1_label_seq_id 
_pdbx_struct_sheet_hbond.range_1_PDB_ins_code 
_pdbx_struct_sheet_hbond.range_1_auth_atom_id 
_pdbx_struct_sheet_hbond.range_1_auth_comp_id 
_pdbx_struct_sheet_hbond.range_1_auth_asym_id 
_pdbx_struct_sheet_hbond.range_1_auth_seq_id 
_pdbx_struct_sheet_hbond.range_2_label_atom_id 
_pdbx_struct_sheet_hbond.range_2_label_comp_id 
_pdbx_struct_sheet_hbond.range_2_label_asym_id 
_pdbx_struct_sheet_hbond.range_2_label_seq_id 
_pdbx_struct_sheet_hbond.range_2_PDB_ins_code 
_pdbx_struct_sheet_hbond.range_2_auth_atom_id 
_pdbx_struct_sheet_hbond.range_2_auth_comp_id 
_pdbx_struct_sheet_hbond.range_2_auth_asym_id 
_pdbx_struct_sheet_hbond.range_2_auth_seq_id 
A 1 2 N CYS A 7  ? N CYS A 13 O GLY A 13 ? O GLY A 19 
A 2 3 N PHE A 16 ? N PHE A 22 O ILE A 20 ? O ILE A 26 
A 3 4 O GLY A 23 ? O GLY A 29 N GLY A 27 ? N GLY A 33 
B 1 2 O CYS A 55 ? O CYS A 61 N GLY A 59 ? N GLY A 65 
B 2 3 N ALA A 62 ? N ALA A 68 O ILE A 66 ? O ILE A 72 
B 3 4 N CYS A 67 ? N CYS A 73 O VAL A 74 ? O VAL A 80 
# 
loop_
_struct_site.id 
_struct_site.pdbx_evidence_code 
_struct_site.pdbx_auth_asym_id 
_struct_site.pdbx_auth_comp_id 
_struct_site.pdbx_auth_seq_id 
_struct_site.pdbx_auth_ins_code 
_struct_site.pdbx_num_residues 
_struct_site.details 
AC1 Software A CD 301 ? 3 'BINDING SITE FOR RESIDUE CD A 301' 
AC2 Software A CD 302 ? 3 'BINDING SITE FOR RESIDUE CD A 302' 
AC3 Software A CD 303 ? 2 'BINDING SITE FOR RESIDUE CD A 303' 
# 
loop_
_struct_site_gen.id 
_struct_site_gen.site_id 
_struct_site_gen.pdbx_num_res 
_struct_site_gen.label_comp_id 
_struct_site_gen.label_asym_id 
_struct_site_gen.label_seq_id 
_struct_site_gen.pdbx_auth_ins_code 
_struct_site_gen.auth_comp_id 
_struct_site_gen.auth_asym_id 
_struct_site_gen.auth_seq_id 
_struct_site_gen.label_atom_id 
_struct_site_gen.label_alt_id 
_struct_site_gen.symmetry 
_struct_site_gen.details 
1 AC1 3 GLU A 25 ? GLU A 31  . ? 9_654  ? 
2 AC1 3 ASP A 70 ? ASP A 76  . ? 1_555  ? 
3 AC1 3 HOH G .  ? HOH B 212 . ? 1_555  ? 
4 AC2 3 ASP A 24 ? ASP A 30  . ? 9_654  ? 
5 AC2 3 GLU A 25 ? GLU A 31  . ? 9_654  ? 
6 AC2 3 GLU A 71 ? GLU A 77  . ? 1_555  ? 
7 AC3 2 LEU A 1  ? LEU A 7   . ? 1_555  ? 
8 AC3 2 GLU A 40 ? GLU A 46  . ? 11_654 ? 
# 
_pdbx_entry_details.entry_id                   1JK4 
_pdbx_entry_details.compound_details           ? 
_pdbx_entry_details.source_details             ? 
_pdbx_entry_details.nonpolymer_details         ? 
_pdbx_entry_details.sequence_details           ? 
_pdbx_entry_details.has_ligand_of_interest     ? 
_pdbx_entry_details.has_protein_modification   Y 
# 
loop_
_pdbx_validate_torsion.id 
_pdbx_validate_torsion.PDB_model_num 
_pdbx_validate_torsion.auth_comp_id 
_pdbx_validate_torsion.auth_asym_id 
_pdbx_validate_torsion.auth_seq_id 
_pdbx_validate_torsion.PDB_ins_code 
_pdbx_validate_torsion.label_alt_id 
_pdbx_validate_torsion.phi 
_pdbx_validate_torsion.psi 
1 1 LEU A 11 ? ? -38.18  143.03  
2 1 PRO A 15 ? ? -43.32  103.69  
3 1 GLN A 58 ? ? -146.64 -54.29  
4 1 ASN A 75 ? ? -117.04 -165.38 
5 1 GLU A 77 ? ? -142.05 -2.13   
6 1 PHE B 3  ? ? -26.60  -60.92  
# 
loop_
_pdbx_unobs_or_zero_occ_residues.id 
_pdbx_unobs_or_zero_occ_residues.PDB_model_num 
_pdbx_unobs_or_zero_occ_residues.polymer_flag 
_pdbx_unobs_or_zero_occ_residues.occupancy_flag 
_pdbx_unobs_or_zero_occ_residues.auth_asym_id 
_pdbx_unobs_or_zero_occ_residues.auth_comp_id 
_pdbx_unobs_or_zero_occ_residues.auth_seq_id 
_pdbx_unobs_or_zero_occ_residues.PDB_ins_code 
_pdbx_unobs_or_zero_occ_residues.label_asym_id 
_pdbx_unobs_or_zero_occ_residues.label_comp_id 
_pdbx_unobs_or_zero_occ_residues.label_seq_id 
1  1 Y 1 A ARG 86 ? A ARG 80 
2  1 Y 1 A GLU 87 ? A GLU 81 
3  1 Y 1 A GLY 88 ? A GLY 82 
4  1 Y 1 A VAL 89 ? A VAL 83 
5  1 Y 1 A GLY 90 ? A GLY 84 
6  1 Y 1 A PHE 91 ? A PHE 85 
7  1 Y 1 A PRO 92 ? A PRO 86 
8  1 Y 1 A ARG 93 ? A ARG 87 
9  1 Y 1 A ARG 94 ? A ARG 88 
10 1 Y 1 A VAL 95 ? A VAL 89 
11 1 Y 1 B PRO 7  ? B PRO 7  
12 1 Y 1 B LYS 8  ? B LYS 8  
13 1 Y 1 B GLY 9  ? B GLY 9  
# 
loop_
_chem_comp_atom.comp_id 
_chem_comp_atom.atom_id 
_chem_comp_atom.type_symbol 
_chem_comp_atom.pdbx_aromatic_flag 
_chem_comp_atom.pdbx_stereo_config 
_chem_comp_atom.pdbx_ordinal 
ALA N    N  N N 1   
ALA CA   C  N S 2   
ALA C    C  N N 3   
ALA O    O  N N 4   
ALA CB   C  N N 5   
ALA OXT  O  N N 6   
ALA H    H  N N 7   
ALA H2   H  N N 8   
ALA HA   H  N N 9   
ALA HB1  H  N N 10  
ALA HB2  H  N N 11  
ALA HB3  H  N N 12  
ALA HXT  H  N N 13  
ARG N    N  N N 14  
ARG CA   C  N S 15  
ARG C    C  N N 16  
ARG O    O  N N 17  
ARG CB   C  N N 18  
ARG CG   C  N N 19  
ARG CD   C  N N 20  
ARG NE   N  N N 21  
ARG CZ   C  N N 22  
ARG NH1  N  N N 23  
ARG NH2  N  N N 24  
ARG OXT  O  N N 25  
ARG H    H  N N 26  
ARG H2   H  N N 27  
ARG HA   H  N N 28  
ARG HB2  H  N N 29  
ARG HB3  H  N N 30  
ARG HG2  H  N N 31  
ARG HG3  H  N N 32  
ARG HD2  H  N N 33  
ARG HD3  H  N N 34  
ARG HE   H  N N 35  
ARG HH11 H  N N 36  
ARG HH12 H  N N 37  
ARG HH21 H  N N 38  
ARG HH22 H  N N 39  
ARG HXT  H  N N 40  
ASN N    N  N N 41  
ASN CA   C  N S 42  
ASN C    C  N N 43  
ASN O    O  N N 44  
ASN CB   C  N N 45  
ASN CG   C  N N 46  
ASN OD1  O  N N 47  
ASN ND2  N  N N 48  
ASN OXT  O  N N 49  
ASN H    H  N N 50  
ASN H2   H  N N 51  
ASN HA   H  N N 52  
ASN HB2  H  N N 53  
ASN HB3  H  N N 54  
ASN HD21 H  N N 55  
ASN HD22 H  N N 56  
ASN HXT  H  N N 57  
ASP N    N  N N 58  
ASP CA   C  N S 59  
ASP C    C  N N 60  
ASP O    O  N N 61  
ASP CB   C  N N 62  
ASP CG   C  N N 63  
ASP OD1  O  N N 64  
ASP OD2  O  N N 65  
ASP OXT  O  N N 66  
ASP H    H  N N 67  
ASP H2   H  N N 68  
ASP HA   H  N N 69  
ASP HB2  H  N N 70  
ASP HB3  H  N N 71  
ASP HD2  H  N N 72  
ASP HXT  H  N N 73  
CD  CD   CD N N 74  
CYS N    N  N N 75  
CYS CA   C  N R 76  
CYS C    C  N N 77  
CYS O    O  N N 78  
CYS CB   C  N N 79  
CYS SG   S  N N 80  
CYS OXT  O  N N 81  
CYS H    H  N N 82  
CYS H2   H  N N 83  
CYS HA   H  N N 84  
CYS HB2  H  N N 85  
CYS HB3  H  N N 86  
CYS HG   H  N N 87  
CYS HXT  H  N N 88  
GLN N    N  N N 89  
GLN CA   C  N S 90  
GLN C    C  N N 91  
GLN O    O  N N 92  
GLN CB   C  N N 93  
GLN CG   C  N N 94  
GLN CD   C  N N 95  
GLN OE1  O  N N 96  
GLN NE2  N  N N 97  
GLN OXT  O  N N 98  
GLN H    H  N N 99  
GLN H2   H  N N 100 
GLN HA   H  N N 101 
GLN HB2  H  N N 102 
GLN HB3  H  N N 103 
GLN HG2  H  N N 104 
GLN HG3  H  N N 105 
GLN HE21 H  N N 106 
GLN HE22 H  N N 107 
GLN HXT  H  N N 108 
GLU N    N  N N 109 
GLU CA   C  N S 110 
GLU C    C  N N 111 
GLU O    O  N N 112 
GLU CB   C  N N 113 
GLU CG   C  N N 114 
GLU CD   C  N N 115 
GLU OE1  O  N N 116 
GLU OE2  O  N N 117 
GLU OXT  O  N N 118 
GLU H    H  N N 119 
GLU H2   H  N N 120 
GLU HA   H  N N 121 
GLU HB2  H  N N 122 
GLU HB3  H  N N 123 
GLU HG2  H  N N 124 
GLU HG3  H  N N 125 
GLU HE2  H  N N 126 
GLU HXT  H  N N 127 
GLY N    N  N N 128 
GLY CA   C  N N 129 
GLY C    C  N N 130 
GLY O    O  N N 131 
GLY OXT  O  N N 132 
GLY H    H  N N 133 
GLY H2   H  N N 134 
GLY HA2  H  N N 135 
GLY HA3  H  N N 136 
GLY HXT  H  N N 137 
HOH O    O  N N 138 
HOH H1   H  N N 139 
HOH H2   H  N N 140 
ILE N    N  N N 141 
ILE CA   C  N S 142 
ILE C    C  N N 143 
ILE O    O  N N 144 
ILE CB   C  N S 145 
ILE CG1  C  N N 146 
ILE CG2  C  N N 147 
ILE CD1  C  N N 148 
ILE OXT  O  N N 149 
ILE H    H  N N 150 
ILE H2   H  N N 151 
ILE HA   H  N N 152 
ILE HB   H  N N 153 
ILE HG12 H  N N 154 
ILE HG13 H  N N 155 
ILE HG21 H  N N 156 
ILE HG22 H  N N 157 
ILE HG23 H  N N 158 
ILE HD11 H  N N 159 
ILE HD12 H  N N 160 
ILE HD13 H  N N 161 
ILE HXT  H  N N 162 
LEU N    N  N N 163 
LEU CA   C  N S 164 
LEU C    C  N N 165 
LEU O    O  N N 166 
LEU CB   C  N N 167 
LEU CG   C  N N 168 
LEU CD1  C  N N 169 
LEU CD2  C  N N 170 
LEU OXT  O  N N 171 
LEU H    H  N N 172 
LEU H2   H  N N 173 
LEU HA   H  N N 174 
LEU HB2  H  N N 175 
LEU HB3  H  N N 176 
LEU HG   H  N N 177 
LEU HD11 H  N N 178 
LEU HD12 H  N N 179 
LEU HD13 H  N N 180 
LEU HD21 H  N N 181 
LEU HD22 H  N N 182 
LEU HD23 H  N N 183 
LEU HXT  H  N N 184 
LYS N    N  N N 185 
LYS CA   C  N S 186 
LYS C    C  N N 187 
LYS O    O  N N 188 
LYS CB   C  N N 189 
LYS CG   C  N N 190 
LYS CD   C  N N 191 
LYS CE   C  N N 192 
LYS NZ   N  N N 193 
LYS OXT  O  N N 194 
LYS H    H  N N 195 
LYS H2   H  N N 196 
LYS HA   H  N N 197 
LYS HB2  H  N N 198 
LYS HB3  H  N N 199 
LYS HG2  H  N N 200 
LYS HG3  H  N N 201 
LYS HD2  H  N N 202 
LYS HD3  H  N N 203 
LYS HE2  H  N N 204 
LYS HE3  H  N N 205 
LYS HZ1  H  N N 206 
LYS HZ2  H  N N 207 
LYS HZ3  H  N N 208 
LYS HXT  H  N N 209 
PHE N    N  N N 210 
PHE CA   C  N S 211 
PHE C    C  N N 212 
PHE O    O  N N 213 
PHE CB   C  N N 214 
PHE CG   C  Y N 215 
PHE CD1  C  Y N 216 
PHE CD2  C  Y N 217 
PHE CE1  C  Y N 218 
PHE CE2  C  Y N 219 
PHE CZ   C  Y N 220 
PHE OXT  O  N N 221 
PHE H    H  N N 222 
PHE H2   H  N N 223 
PHE HA   H  N N 224 
PHE HB2  H  N N 225 
PHE HB3  H  N N 226 
PHE HD1  H  N N 227 
PHE HD2  H  N N 228 
PHE HE1  H  N N 229 
PHE HE2  H  N N 230 
PHE HZ   H  N N 231 
PHE HXT  H  N N 232 
PRO N    N  N N 233 
PRO CA   C  N S 234 
PRO C    C  N N 235 
PRO O    O  N N 236 
PRO CB   C  N N 237 
PRO CG   C  N N 238 
PRO CD   C  N N 239 
PRO OXT  O  N N 240 
PRO H    H  N N 241 
PRO HA   H  N N 242 
PRO HB2  H  N N 243 
PRO HB3  H  N N 244 
PRO HG2  H  N N 245 
PRO HG3  H  N N 246 
PRO HD2  H  N N 247 
PRO HD3  H  N N 248 
PRO HXT  H  N N 249 
SER N    N  N N 250 
SER CA   C  N S 251 
SER C    C  N N 252 
SER O    O  N N 253 
SER CB   C  N N 254 
SER OG   O  N N 255 
SER OXT  O  N N 256 
SER H    H  N N 257 
SER H2   H  N N 258 
SER HA   H  N N 259 
SER HB2  H  N N 260 
SER HB3  H  N N 261 
SER HG   H  N N 262 
SER HXT  H  N N 263 
THR N    N  N N 264 
THR CA   C  N S 265 
THR C    C  N N 266 
THR O    O  N N 267 
THR CB   C  N R 268 
THR OG1  O  N N 269 
THR CG2  C  N N 270 
THR OXT  O  N N 271 
THR H    H  N N 272 
THR H2   H  N N 273 
THR HA   H  N N 274 
THR HB   H  N N 275 
THR HG1  H  N N 276 
THR HG21 H  N N 277 
THR HG22 H  N N 278 
THR HG23 H  N N 279 
THR HXT  H  N N 280 
TYR N    N  N N 281 
TYR CA   C  N S 282 
TYR C    C  N N 283 
TYR O    O  N N 284 
TYR CB   C  N N 285 
TYR CG   C  Y N 286 
TYR CD1  C  Y N 287 
TYR CD2  C  Y N 288 
TYR CE1  C  Y N 289 
TYR CE2  C  Y N 290 
TYR CZ   C  Y N 291 
TYR OH   O  N N 292 
TYR OXT  O  N N 293 
TYR H    H  N N 294 
TYR H2   H  N N 295 
TYR HA   H  N N 296 
TYR HB2  H  N N 297 
TYR HB3  H  N N 298 
TYR HD1  H  N N 299 
TYR HD2  H  N N 300 
TYR HE1  H  N N 301 
TYR HE2  H  N N 302 
TYR HH   H  N N 303 
TYR HXT  H  N N 304 
VAL N    N  N N 305 
VAL CA   C  N S 306 
VAL C    C  N N 307 
VAL O    O  N N 308 
VAL CB   C  N N 309 
VAL CG1  C  N N 310 
VAL CG2  C  N N 311 
VAL OXT  O  N N 312 
VAL H    H  N N 313 
VAL H2   H  N N 314 
VAL HA   H  N N 315 
VAL HB   H  N N 316 
VAL HG11 H  N N 317 
VAL HG12 H  N N 318 
VAL HG13 H  N N 319 
VAL HG21 H  N N 320 
VAL HG22 H  N N 321 
VAL HG23 H  N N 322 
VAL HXT  H  N N 323 
# 
loop_
_chem_comp_bond.comp_id 
_chem_comp_bond.atom_id_1 
_chem_comp_bond.atom_id_2 
_chem_comp_bond.value_order 
_chem_comp_bond.pdbx_aromatic_flag 
_chem_comp_bond.pdbx_stereo_config 
_chem_comp_bond.pdbx_ordinal 
ALA N   CA   sing N N 1   
ALA N   H    sing N N 2   
ALA N   H2   sing N N 3   
ALA CA  C    sing N N 4   
ALA CA  CB   sing N N 5   
ALA CA  HA   sing N N 6   
ALA C   O    doub N N 7   
ALA C   OXT  sing N N 8   
ALA CB  HB1  sing N N 9   
ALA CB  HB2  sing N N 10  
ALA CB  HB3  sing N N 11  
ALA OXT HXT  sing N N 12  
ARG N   CA   sing N N 13  
ARG N   H    sing N N 14  
ARG N   H2   sing N N 15  
ARG CA  C    sing N N 16  
ARG CA  CB   sing N N 17  
ARG CA  HA   sing N N 18  
ARG C   O    doub N N 19  
ARG C   OXT  sing N N 20  
ARG CB  CG   sing N N 21  
ARG CB  HB2  sing N N 22  
ARG CB  HB3  sing N N 23  
ARG CG  CD   sing N N 24  
ARG CG  HG2  sing N N 25  
ARG CG  HG3  sing N N 26  
ARG CD  NE   sing N N 27  
ARG CD  HD2  sing N N 28  
ARG CD  HD3  sing N N 29  
ARG NE  CZ   sing N N 30  
ARG NE  HE   sing N N 31  
ARG CZ  NH1  sing N N 32  
ARG CZ  NH2  doub N N 33  
ARG NH1 HH11 sing N N 34  
ARG NH1 HH12 sing N N 35  
ARG NH2 HH21 sing N N 36  
ARG NH2 HH22 sing N N 37  
ARG OXT HXT  sing N N 38  
ASN N   CA   sing N N 39  
ASN N   H    sing N N 40  
ASN N   H2   sing N N 41  
ASN CA  C    sing N N 42  
ASN CA  CB   sing N N 43  
ASN CA  HA   sing N N 44  
ASN C   O    doub N N 45  
ASN C   OXT  sing N N 46  
ASN CB  CG   sing N N 47  
ASN CB  HB2  sing N N 48  
ASN CB  HB3  sing N N 49  
ASN CG  OD1  doub N N 50  
ASN CG  ND2  sing N N 51  
ASN ND2 HD21 sing N N 52  
ASN ND2 HD22 sing N N 53  
ASN OXT HXT  sing N N 54  
ASP N   CA   sing N N 55  
ASP N   H    sing N N 56  
ASP N   H2   sing N N 57  
ASP CA  C    sing N N 58  
ASP CA  CB   sing N N 59  
ASP CA  HA   sing N N 60  
ASP C   O    doub N N 61  
ASP C   OXT  sing N N 62  
ASP CB  CG   sing N N 63  
ASP CB  HB2  sing N N 64  
ASP CB  HB3  sing N N 65  
ASP CG  OD1  doub N N 66  
ASP CG  OD2  sing N N 67  
ASP OD2 HD2  sing N N 68  
ASP OXT HXT  sing N N 69  
CYS N   CA   sing N N 70  
CYS N   H    sing N N 71  
CYS N   H2   sing N N 72  
CYS CA  C    sing N N 73  
CYS CA  CB   sing N N 74  
CYS CA  HA   sing N N 75  
CYS C   O    doub N N 76  
CYS C   OXT  sing N N 77  
CYS CB  SG   sing N N 78  
CYS CB  HB2  sing N N 79  
CYS CB  HB3  sing N N 80  
CYS SG  HG   sing N N 81  
CYS OXT HXT  sing N N 82  
GLN N   CA   sing N N 83  
GLN N   H    sing N N 84  
GLN N   H2   sing N N 85  
GLN CA  C    sing N N 86  
GLN CA  CB   sing N N 87  
GLN CA  HA   sing N N 88  
GLN C   O    doub N N 89  
GLN C   OXT  sing N N 90  
GLN CB  CG   sing N N 91  
GLN CB  HB2  sing N N 92  
GLN CB  HB3  sing N N 93  
GLN CG  CD   sing N N 94  
GLN CG  HG2  sing N N 95  
GLN CG  HG3  sing N N 96  
GLN CD  OE1  doub N N 97  
GLN CD  NE2  sing N N 98  
GLN NE2 HE21 sing N N 99  
GLN NE2 HE22 sing N N 100 
GLN OXT HXT  sing N N 101 
GLU N   CA   sing N N 102 
GLU N   H    sing N N 103 
GLU N   H2   sing N N 104 
GLU CA  C    sing N N 105 
GLU CA  CB   sing N N 106 
GLU CA  HA   sing N N 107 
GLU C   O    doub N N 108 
GLU C   OXT  sing N N 109 
GLU CB  CG   sing N N 110 
GLU CB  HB2  sing N N 111 
GLU CB  HB3  sing N N 112 
GLU CG  CD   sing N N 113 
GLU CG  HG2  sing N N 114 
GLU CG  HG3  sing N N 115 
GLU CD  OE1  doub N N 116 
GLU CD  OE2  sing N N 117 
GLU OE2 HE2  sing N N 118 
GLU OXT HXT  sing N N 119 
GLY N   CA   sing N N 120 
GLY N   H    sing N N 121 
GLY N   H2   sing N N 122 
GLY CA  C    sing N N 123 
GLY CA  HA2  sing N N 124 
GLY CA  HA3  sing N N 125 
GLY C   O    doub N N 126 
GLY C   OXT  sing N N 127 
GLY OXT HXT  sing N N 128 
HOH O   H1   sing N N 129 
HOH O   H2   sing N N 130 
ILE N   CA   sing N N 131 
ILE N   H    sing N N 132 
ILE N   H2   sing N N 133 
ILE CA  C    sing N N 134 
ILE CA  CB   sing N N 135 
ILE CA  HA   sing N N 136 
ILE C   O    doub N N 137 
ILE C   OXT  sing N N 138 
ILE CB  CG1  sing N N 139 
ILE CB  CG2  sing N N 140 
ILE CB  HB   sing N N 141 
ILE CG1 CD1  sing N N 142 
ILE CG1 HG12 sing N N 143 
ILE CG1 HG13 sing N N 144 
ILE CG2 HG21 sing N N 145 
ILE CG2 HG22 sing N N 146 
ILE CG2 HG23 sing N N 147 
ILE CD1 HD11 sing N N 148 
ILE CD1 HD12 sing N N 149 
ILE CD1 HD13 sing N N 150 
ILE OXT HXT  sing N N 151 
LEU N   CA   sing N N 152 
LEU N   H    sing N N 153 
LEU N   H2   sing N N 154 
LEU CA  C    sing N N 155 
LEU CA  CB   sing N N 156 
LEU CA  HA   sing N N 157 
LEU C   O    doub N N 158 
LEU C   OXT  sing N N 159 
LEU CB  CG   sing N N 160 
LEU CB  HB2  sing N N 161 
LEU CB  HB3  sing N N 162 
LEU CG  CD1  sing N N 163 
LEU CG  CD2  sing N N 164 
LEU CG  HG   sing N N 165 
LEU CD1 HD11 sing N N 166 
LEU CD1 HD12 sing N N 167 
LEU CD1 HD13 sing N N 168 
LEU CD2 HD21 sing N N 169 
LEU CD2 HD22 sing N N 170 
LEU CD2 HD23 sing N N 171 
LEU OXT HXT  sing N N 172 
LYS N   CA   sing N N 173 
LYS N   H    sing N N 174 
LYS N   H2   sing N N 175 
LYS CA  C    sing N N 176 
LYS CA  CB   sing N N 177 
LYS CA  HA   sing N N 178 
LYS C   O    doub N N 179 
LYS C   OXT  sing N N 180 
LYS CB  CG   sing N N 181 
LYS CB  HB2  sing N N 182 
LYS CB  HB3  sing N N 183 
LYS CG  CD   sing N N 184 
LYS CG  HG2  sing N N 185 
LYS CG  HG3  sing N N 186 
LYS CD  CE   sing N N 187 
LYS CD  HD2  sing N N 188 
LYS CD  HD3  sing N N 189 
LYS CE  NZ   sing N N 190 
LYS CE  HE2  sing N N 191 
LYS CE  HE3  sing N N 192 
LYS NZ  HZ1  sing N N 193 
LYS NZ  HZ2  sing N N 194 
LYS NZ  HZ3  sing N N 195 
LYS OXT HXT  sing N N 196 
PHE N   CA   sing N N 197 
PHE N   H    sing N N 198 
PHE N   H2   sing N N 199 
PHE CA  C    sing N N 200 
PHE CA  CB   sing N N 201 
PHE CA  HA   sing N N 202 
PHE C   O    doub N N 203 
PHE C   OXT  sing N N 204 
PHE CB  CG   sing N N 205 
PHE CB  HB2  sing N N 206 
PHE CB  HB3  sing N N 207 
PHE CG  CD1  doub Y N 208 
PHE CG  CD2  sing Y N 209 
PHE CD1 CE1  sing Y N 210 
PHE CD1 HD1  sing N N 211 
PHE CD2 CE2  doub Y N 212 
PHE CD2 HD2  sing N N 213 
PHE CE1 CZ   doub Y N 214 
PHE CE1 HE1  sing N N 215 
PHE CE2 CZ   sing Y N 216 
PHE CE2 HE2  sing N N 217 
PHE CZ  HZ   sing N N 218 
PHE OXT HXT  sing N N 219 
PRO N   CA   sing N N 220 
PRO N   CD   sing N N 221 
PRO N   H    sing N N 222 
PRO CA  C    sing N N 223 
PRO CA  CB   sing N N 224 
PRO CA  HA   sing N N 225 
PRO C   O    doub N N 226 
PRO C   OXT  sing N N 227 
PRO CB  CG   sing N N 228 
PRO CB  HB2  sing N N 229 
PRO CB  HB3  sing N N 230 
PRO CG  CD   sing N N 231 
PRO CG  HG2  sing N N 232 
PRO CG  HG3  sing N N 233 
PRO CD  HD2  sing N N 234 
PRO CD  HD3  sing N N 235 
PRO OXT HXT  sing N N 236 
SER N   CA   sing N N 237 
SER N   H    sing N N 238 
SER N   H2   sing N N 239 
SER CA  C    sing N N 240 
SER CA  CB   sing N N 241 
SER CA  HA   sing N N 242 
SER C   O    doub N N 243 
SER C   OXT  sing N N 244 
SER CB  OG   sing N N 245 
SER CB  HB2  sing N N 246 
SER CB  HB3  sing N N 247 
SER OG  HG   sing N N 248 
SER OXT HXT  sing N N 249 
THR N   CA   sing N N 250 
THR N   H    sing N N 251 
THR N   H2   sing N N 252 
THR CA  C    sing N N 253 
THR CA  CB   sing N N 254 
THR CA  HA   sing N N 255 
THR C   O    doub N N 256 
THR C   OXT  sing N N 257 
THR CB  OG1  sing N N 258 
THR CB  CG2  sing N N 259 
THR CB  HB   sing N N 260 
THR OG1 HG1  sing N N 261 
THR CG2 HG21 sing N N 262 
THR CG2 HG22 sing N N 263 
THR CG2 HG23 sing N N 264 
THR OXT HXT  sing N N 265 
TYR N   CA   sing N N 266 
TYR N   H    sing N N 267 
TYR N   H2   sing N N 268 
TYR CA  C    sing N N 269 
TYR CA  CB   sing N N 270 
TYR CA  HA   sing N N 271 
TYR C   O    doub N N 272 
TYR C   OXT  sing N N 273 
TYR CB  CG   sing N N 274 
TYR CB  HB2  sing N N 275 
TYR CB  HB3  sing N N 276 
TYR CG  CD1  doub Y N 277 
TYR CG  CD2  sing Y N 278 
TYR CD1 CE1  sing Y N 279 
TYR CD1 HD1  sing N N 280 
TYR CD2 CE2  doub Y N 281 
TYR CD2 HD2  sing N N 282 
TYR CE1 CZ   doub Y N 283 
TYR CE1 HE1  sing N N 284 
TYR CE2 CZ   sing Y N 285 
TYR CE2 HE2  sing N N 286 
TYR CZ  OH   sing N N 287 
TYR OH  HH   sing N N 288 
TYR OXT HXT  sing N N 289 
VAL N   CA   sing N N 290 
VAL N   H    sing N N 291 
VAL N   H2   sing N N 292 
VAL CA  C    sing N N 293 
VAL CA  CB   sing N N 294 
VAL CA  HA   sing N N 295 
VAL C   O    doub N N 296 
VAL C   OXT  sing N N 297 
VAL CB  CG1  sing N N 298 
VAL CB  CG2  sing N N 299 
VAL CB  HB   sing N N 300 
VAL CG1 HG11 sing N N 301 
VAL CG1 HG12 sing N N 302 
VAL CG1 HG13 sing N N 303 
VAL CG2 HG21 sing N N 304 
VAL CG2 HG22 sing N N 305 
VAL CG2 HG23 sing N N 306 
VAL OXT HXT  sing N N 307 
# 
_pdbx_initial_refinement_model.id               1 
_pdbx_initial_refinement_model.entity_id_list   ? 
_pdbx_initial_refinement_model.type             'experimental model' 
_pdbx_initial_refinement_model.source_name      PDB 
_pdbx_initial_refinement_model.accession_code   2BN2 
_pdbx_initial_refinement_model.details          'PDB ENTRY 2BN2' 
# 
_atom_sites.entry_id                    1JK4 
_atom_sites.fract_transf_matrix[1][1]   -0.01855538 
_atom_sites.fract_transf_matrix[1][2]   -0.00576481 
_atom_sites.fract_transf_matrix[1][3]   0.01170871 
_atom_sites.fract_transf_matrix[2][1]   -0.00233182 
_atom_sites.fract_transf_matrix[2][2]   0.00665940 
_atom_sites.fract_transf_matrix[2][3]   0.02156084 
_atom_sites.fract_transf_matrix[3][1]   -0.00428960 
_atom_sites.fract_transf_matrix[3][2]   0.00790549 
_atom_sites.fract_transf_matrix[3][3]   -0.00290566 
_atom_sites.fract_transf_vector[1]      0.391115 
_atom_sites.fract_transf_vector[2]      -0.562347 
_atom_sites.fract_transf_vector[3]      -0.168319 
# 
loop_
_atom_type.symbol 
C  
CD 
N  
O  
S  
# 
loop_
_atom_site.group_PDB 
_atom_site.id 
_atom_site.type_symbol 
_atom_site.label_atom_id 
_atom_site.label_alt_id 
_atom_site.label_comp_id 
_atom_site.label_asym_id 
_atom_site.label_entity_id 
_atom_site.label_seq_id 
_atom_site.pdbx_PDB_ins_code 
_atom_site.Cartn_x 
_atom_site.Cartn_y 
_atom_site.Cartn_z 
_atom_site.occupancy 
_atom_site.B_iso_or_equiv 
_atom_site.pdbx_formal_charge 
_atom_site.auth_seq_id 
_atom_site.auth_comp_id 
_atom_site.auth_asym_id 
_atom_site.auth_atom_id 
_atom_site.pdbx_PDB_model_num 
ATOM   1   N  N   . LEU A 1 1  ? 7.662   -13.784 -2.510  1.00 36.63 ? 7   LEU A N   1 
ATOM   2   C  CA  . LEU A 1 1  ? 6.774   -13.044 -1.568  1.00 36.64 ? 7   LEU A CA  1 
ATOM   3   C  C   . LEU A 1 1  ? 7.461   -11.843 -0.942  1.00 36.03 ? 7   LEU A C   1 
ATOM   4   O  O   . LEU A 1 1  ? 8.358   -11.982 -0.107  1.00 35.76 ? 7   LEU A O   1 
ATOM   5   C  CB  . LEU A 1 1  ? 6.278   -13.966 -0.461  1.00 37.66 ? 7   LEU A CB  1 
ATOM   6   C  CG  . LEU A 1 1  ? 5.145   -14.906 -0.851  1.00 38.96 ? 7   LEU A CG  1 
ATOM   7   C  CD1 . LEU A 1 1  ? 4.699   -15.700 0.371   1.00 38.74 ? 7   LEU A CD1 1 
ATOM   8   C  CD2 . LEU A 1 1  ? 3.988   -14.085 -1.410  1.00 38.99 ? 7   LEU A CD2 1 
ATOM   9   N  N   . ARG A 1 2  ? 7.017   -10.656 -1.326  1.00 35.34 ? 8   ARG A N   1 
ATOM   10  C  CA  . ARG A 1 2  ? 7.603   -9.440  -0.792  1.00 33.83 ? 8   ARG A CA  1 
ATOM   11  C  C   . ARG A 1 2  ? 6.571   -8.339  -0.687  1.00 32.72 ? 8   ARG A C   1 
ATOM   12  O  O   . ARG A 1 2  ? 5.571   -8.324  -1.420  1.00 32.52 ? 8   ARG A O   1 
ATOM   13  C  CB  . ARG A 1 2  ? 8.758   -8.968  -1.687  1.00 34.10 ? 8   ARG A CB  1 
ATOM   14  C  CG  . ARG A 1 2  ? 8.397   -8.892  -3.176  1.00 33.06 ? 8   ARG A CG  1 
ATOM   15  C  CD  . ARG A 1 2  ? 9.548   -8.367  -4.029  1.00 33.41 ? 8   ARG A CD  1 
ATOM   16  N  NE  . ARG A 1 2  ? 9.729   -6.927  -3.886  1.00 31.99 ? 8   ARG A NE  1 
ATOM   17  C  CZ  . ARG A 1 2  ? 9.423   -6.033  -4.821  1.00 31.92 ? 8   ARG A CZ  1 
ATOM   18  N  NH1 . ARG A 1 2  ? 8.918   -6.415  -5.984  1.00 31.81 ? 8   ARG A NH1 1 
ATOM   19  N  NH2 . ARG A 1 2  ? 9.612   -4.750  -4.585  1.00 32.48 ? 8   ARG A NH2 1 
ATOM   20  N  N   . GLN A 1 3  ? 6.772   -7.468  0.296   1.00 30.85 ? 9   GLN A N   1 
ATOM   21  C  CA  . GLN A 1 3  ? 5.904   -6.317  0.458   1.00 29.07 ? 9   GLN A CA  1 
ATOM   22  C  C   . GLN A 1 3  ? 6.515   -5.355  -0.548  1.00 27.40 ? 9   GLN A C   1 
ATOM   23  O  O   . GLN A 1 3  ? 7.624   -5.571  -1.042  1.00 26.70 ? 9   GLN A O   1 
ATOM   24  C  CB  . GLN A 1 3  ? 6.018   -5.708  1.864   1.00 30.00 ? 9   GLN A CB  1 
ATOM   25  C  CG  . GLN A 1 3  ? 5.629   -6.620  3.030   1.00 30.85 ? 9   GLN A CG  1 
ATOM   26  C  CD  . GLN A 1 3  ? 4.215   -6.391  3.538   1.00 31.86 ? 9   GLN A CD  1 
ATOM   27  O  OE1 . GLN A 1 3  ? 3.893   -5.331  4.084   1.00 32.03 ? 9   GLN A OE1 1 
ATOM   28  N  NE2 . GLN A 1 3  ? 3.364   -7.399  3.377   1.00 32.75 ? 9   GLN A NE2 1 
ATOM   29  N  N   . CYS A 1 4  ? 5.788   -4.306  -0.873  1.00 26.59 ? 10  CYS A N   1 
ATOM   30  C  CA  . CYS A 1 4  ? 6.296   -3.335  -1.816  1.00 25.26 ? 10  CYS A CA  1 
ATOM   31  C  C   . CYS A 1 4  ? 7.204   -2.325  -1.099  1.00 24.22 ? 10  CYS A C   1 
ATOM   32  O  O   . CYS A 1 4  ? 7.215   -2.249  0.136   1.00 24.93 ? 10  CYS A O   1 
ATOM   33  C  CB  . CYS A 1 4  ? 5.129   -2.660  -2.514  1.00 25.53 ? 10  CYS A CB  1 
ATOM   34  S  SG  . CYS A 1 4  ? 3.940   -3.873  -3.170  1.00 25.35 ? 10  CYS A SG  1 
ATOM   35  N  N   . LEU A 1 5  ? 7.981   -1.589  -1.886  1.00 22.52 ? 11  LEU A N   1 
ATOM   36  C  CA  . LEU A 1 5  ? 8.914   -0.588  -1.381  1.00 20.79 ? 11  LEU A CA  1 
ATOM   37  C  C   . LEU A 1 5  ? 8.417   0.221   -0.191  1.00 20.13 ? 11  LEU A C   1 
ATOM   38  O  O   . LEU A 1 5  ? 7.230   0.531   -0.088  1.00 20.75 ? 11  LEU A O   1 
ATOM   39  C  CB  . LEU A 1 5  ? 9.269   0.379   -2.499  1.00 21.14 ? 11  LEU A CB  1 
ATOM   40  C  CG  . LEU A 1 5  ? 9.876   -0.266  -3.734  1.00 21.33 ? 11  LEU A CG  1 
ATOM   41  C  CD1 . LEU A 1 5  ? 9.882   0.743   -4.857  1.00 22.55 ? 11  LEU A CD1 1 
ATOM   42  C  CD2 . LEU A 1 5  ? 11.271  -0.774  -3.431  1.00 20.79 ? 11  LEU A CD2 1 
ATOM   43  N  N   . PRO A 1 6  ? 9.327   0.542   0.747   1.00 19.46 ? 12  PRO A N   1 
ATOM   44  C  CA  . PRO A 1 6  ? 8.994   1.328   1.938   1.00 18.99 ? 12  PRO A CA  1 
ATOM   45  C  C   . PRO A 1 6  ? 8.718   2.772   1.517   1.00 19.75 ? 12  PRO A C   1 
ATOM   46  O  O   . PRO A 1 6  ? 9.073   3.177   0.405   1.00 19.87 ? 12  PRO A O   1 
ATOM   47  C  CB  . PRO A 1 6  ? 10.266  1.224   2.776   1.00 19.37 ? 12  PRO A CB  1 
ATOM   48  C  CG  . PRO A 1 6  ? 10.852  -0.084  2.340   1.00 19.64 ? 12  PRO A CG  1 
ATOM   49  C  CD  . PRO A 1 6  ? 10.679  -0.013  0.857   1.00 18.91 ? 12  PRO A CD  1 
ATOM   50  N  N   . CYS A 1 7  ? 8.101   3.547   2.403   1.00 18.92 ? 13  CYS A N   1 
ATOM   51  C  CA  . CYS A 1 7  ? 7.770   4.928   2.088   1.00 19.77 ? 13  CYS A CA  1 
ATOM   52  C  C   . CYS A 1 7  ? 7.316   5.661   3.343   1.00 20.95 ? 13  CYS A C   1 
ATOM   53  O  O   . CYS A 1 7  ? 7.224   5.076   4.423   1.00 21.28 ? 13  CYS A O   1 
ATOM   54  C  CB  . CYS A 1 7  ? 6.645   4.950   1.058   1.00 18.64 ? 13  CYS A CB  1 
ATOM   55  S  SG  . CYS A 1 7  ? 5.177   4.037   1.629   1.00 17.24 ? 13  CYS A SG  1 
ATOM   56  N  N   . GLY A 1 8  ? 7.035   6.949   3.195   1.00 22.42 ? 14  GLY A N   1 
ATOM   57  C  CA  . GLY A 1 8  ? 6.570   7.743   4.318   1.00 26.14 ? 14  GLY A CA  1 
ATOM   58  C  C   . GLY A 1 8  ? 7.573   8.005   5.432   1.00 27.98 ? 14  GLY A C   1 
ATOM   59  O  O   . GLY A 1 8  ? 8.770   7.711   5.299   1.00 26.72 ? 14  GLY A O   1 
ATOM   60  N  N   . PRO A 1 9  ? 7.084   8.576   6.555   1.00 30.49 ? 15  PRO A N   1 
ATOM   61  C  CA  . PRO A 1 9  ? 7.822   8.938   7.770   1.00 31.46 ? 15  PRO A CA  1 
ATOM   62  C  C   . PRO A 1 9  ? 8.810   7.881   8.229   1.00 32.87 ? 15  PRO A C   1 
ATOM   63  O  O   . PRO A 1 9  ? 8.436   6.845   8.795   1.00 33.12 ? 15  PRO A O   1 
ATOM   64  C  CB  . PRO A 1 9  ? 6.704   9.151   8.778   1.00 31.44 ? 15  PRO A CB  1 
ATOM   65  C  CG  . PRO A 1 9  ? 5.678   9.817   7.944   1.00 31.05 ? 15  PRO A CG  1 
ATOM   66  C  CD  . PRO A 1 9  ? 5.668   8.952   6.695   1.00 30.97 ? 15  PRO A CD  1 
ATOM   67  N  N   . GLY A 1 10 ? 10.080  8.169   7.955   1.00 33.79 ? 16  GLY A N   1 
ATOM   68  C  CA  . GLY A 1 10 ? 11.163  7.279   8.312   1.00 34.59 ? 16  GLY A CA  1 
ATOM   69  C  C   . GLY A 1 10 ? 11.008  5.921   7.672   1.00 34.94 ? 16  GLY A C   1 
ATOM   70  O  O   . GLY A 1 10 ? 11.286  4.909   8.317   1.00 35.91 ? 16  GLY A O   1 
ATOM   71  N  N   . GLY A 1 11 ? 10.545  5.890   6.421   1.00 34.93 ? 17  GLY A N   1 
ATOM   72  C  CA  . GLY A 1 11 ? 10.354  4.624   5.724   1.00 33.96 ? 17  GLY A CA  1 
ATOM   73  C  C   . GLY A 1 11 ? 9.587   3.599   6.550   1.00 33.49 ? 17  GLY A C   1 
ATOM   74  O  O   . GLY A 1 11 ? 9.761   2.392   6.378   1.00 33.49 ? 17  GLY A O   1 
ATOM   75  N  N   . LYS A 1 12 ? 8.756   4.089   7.468   1.00 33.19 ? 18  LYS A N   1 
ATOM   76  C  CA  . LYS A 1 12 ? 7.958   3.239   8.345   1.00 32.78 ? 18  LYS A CA  1 
ATOM   77  C  C   . LYS A 1 12 ? 6.801   2.564   7.606   1.00 31.70 ? 18  LYS A C   1 
ATOM   78  O  O   . LYS A 1 12 ? 6.482   1.402   7.864   1.00 31.94 ? 18  LYS A O   1 
ATOM   79  C  CB  . LYS A 1 12 ? 7.367   4.072   9.477   1.00 99.99 ? 18  LYS A CB  1 
ATOM   80  C  CG  . LYS A 1 12 ? 8.482   4.524   10.414  1.00 99.99 ? 18  LYS A CG  1 
ATOM   81  N  N   . GLY A 1 13 ? 6.167   3.303   6.701   1.00 30.48 ? 19  GLY A N   1 
ATOM   82  C  CA  . GLY A 1 13 ? 5.059   2.753   5.940   1.00 28.95 ? 19  GLY A CA  1 
ATOM   83  C  C   . GLY A 1 13 ? 5.508   2.045   4.675   1.00 27.93 ? 19  GLY A C   1 
ATOM   84  O  O   . GLY A 1 13 ? 6.690   2.053   4.333   1.00 27.97 ? 19  GLY A O   1 
ATOM   85  N  N   . ARG A 1 14 ? 4.567   1.391   4.003   1.00 26.83 ? 20  ARG A N   1 
ATOM   86  C  CA  . ARG A 1 14 ? 4.869   0.687   2.762   1.00 25.83 ? 20  ARG A CA  1 
ATOM   87  C  C   . ARG A 1 14 ? 3.826   0.916   1.675   1.00 23.90 ? 20  ARG A C   1 
ATOM   88  O  O   . ARG A 1 14 ? 2.688   1.301   1.950   1.00 22.49 ? 20  ARG A O   1 
ATOM   89  C  CB  . ARG A 1 14 ? 5.138   -0.804  3.005   1.00 28.37 ? 20  ARG A CB  1 
ATOM   90  C  CG  . ARG A 1 14 ? 6.459   -1.020  3.746   1.00 31.96 ? 20  ARG A CG  1 
ATOM   91  C  CD  . ARG A 1 14 ? 7.032   -2.421  3.660   1.00 33.93 ? 20  ARG A CD  1 
ATOM   92  N  NE  . ARG A 1 14 ? 8.365   -2.427  4.263   1.00 38.54 ? 20  ARG A NE  1 
ATOM   93  C  CZ  . ARG A 1 14 ? 9.165   -3.486  4.353   1.00 40.94 ? 20  ARG A CZ  1 
ATOM   94  N  NH1 . ARG A 1 14 ? 8.786   -4.665  3.876   1.00 42.11 ? 20  ARG A NH1 1 
ATOM   95  N  NH2 . ARG A 1 14 ? 10.354  -3.368  4.929   1.00 41.93 ? 20  ARG A NH2 1 
ATOM   96  N  N   . CYS A 1 15 ? 4.255   0.737   0.431   1.00 21.73 ? 21  CYS A N   1 
ATOM   97  C  CA  . CYS A 1 15 ? 3.408   0.955   -0.729  1.00 20.63 ? 21  CYS A CA  1 
ATOM   98  C  C   . CYS A 1 15 ? 2.345   -0.110  -1.019  1.00 20.38 ? 21  CYS A C   1 
ATOM   99  O  O   . CYS A 1 15 ? 2.611   -1.311  -0.948  1.00 19.51 ? 21  CYS A O   1 
ATOM   100 C  CB  . CYS A 1 15 ? 4.287   1.169   -1.961  1.00 20.24 ? 21  CYS A CB  1 
ATOM   101 S  SG  . CYS A 1 15 ? 5.465   2.542   -1.781  1.00 17.87 ? 21  CYS A SG  1 
ATOM   102 N  N   . PHE A 1 16 ? 1.134   0.350   -1.326  1.00 20.70 ? 22  PHE A N   1 
ATOM   103 C  CA  . PHE A 1 16 ? 0.004   -0.527  -1.660  1.00 21.75 ? 22  PHE A CA  1 
ATOM   104 C  C   . PHE A 1 16 ? -0.405  -0.297  -3.124  1.00 21.31 ? 22  PHE A C   1 
ATOM   105 O  O   . PHE A 1 16 ? -1.063  -1.136  -3.736  1.00 21.43 ? 22  PHE A O   1 
ATOM   106 C  CB  . PHE A 1 16 ? -1.194  -0.284  -0.711  1.00 22.06 ? 22  PHE A CB  1 
ATOM   107 C  CG  . PHE A 1 16 ? -1.056  -0.958  0.641   1.00 23.69 ? 22  PHE A CG  1 
ATOM   108 C  CD1 . PHE A 1 16 ? -1.599  -2.224  0.864   1.00 25.04 ? 22  PHE A CD1 1 
ATOM   109 C  CD2 . PHE A 1 16 ? -0.368  -0.334  1.689   1.00 24.75 ? 22  PHE A CD2 1 
ATOM   110 C  CE1 . PHE A 1 16 ? -1.454  -2.861  2.111   1.00 25.32 ? 22  PHE A CE1 1 
ATOM   111 C  CE2 . PHE A 1 16 ? -0.216  -0.963  2.943   1.00 24.09 ? 22  PHE A CE2 1 
ATOM   112 C  CZ  . PHE A 1 16 ? -0.760  -2.223  3.152   1.00 25.49 ? 22  PHE A CZ  1 
ATOM   113 N  N   . GLY A 1 17 ? 0.029   0.829   -3.677  1.00 20.88 ? 23  GLY A N   1 
ATOM   114 C  CA  . GLY A 1 17 ? -0.276  1.170   -5.054  1.00 21.36 ? 23  GLY A CA  1 
ATOM   115 C  C   . GLY A 1 17 ? 0.704   2.210   -5.548  1.00 21.35 ? 23  GLY A C   1 
ATOM   116 O  O   . GLY A 1 17 ? 1.461   2.764   -4.752  1.00 21.33 ? 23  GLY A O   1 
ATOM   117 N  N   . PRO A 1 18 ? 0.721   2.515   -6.853  1.00 21.52 ? 24  PRO A N   1 
ATOM   118 C  CA  . PRO A 1 18 ? 1.652   3.512   -7.390  1.00 22.40 ? 24  PRO A CA  1 
ATOM   119 C  C   . PRO A 1 18 ? 1.602   4.832   -6.626  1.00 22.28 ? 24  PRO A C   1 
ATOM   120 O  O   . PRO A 1 18 ? 2.615   5.519   -6.495  1.00 22.33 ? 24  PRO A O   1 
ATOM   121 C  CB  . PRO A 1 18 ? 1.151   3.699   -8.817  1.00 22.16 ? 24  PRO A CB  1 
ATOM   122 C  CG  . PRO A 1 18 ? 0.614   2.351   -9.158  1.00 20.75 ? 24  PRO A CG  1 
ATOM   123 C  CD  . PRO A 1 18 ? -0.145  1.983   -7.919  1.00 21.16 ? 24  PRO A CD  1 
ATOM   124 N  N   . SER A 1 19 ? 0.420   5.144   -6.096  1.00 22.72 ? 25  SER A N   1 
ATOM   125 C  CA  . SER A 1 19 ? 0.192   6.387   -5.369  1.00 23.62 ? 25  SER A CA  1 
ATOM   126 C  C   . SER A 1 19 ? -0.378  6.212   -3.957  1.00 23.09 ? 25  SER A C   1 
ATOM   127 O  O   . SER A 1 19 ? -0.984  7.139   -3.418  1.00 23.08 ? 25  SER A O   1 
ATOM   128 C  CB  . SER A 1 19 ? -0.759  7.283   -6.167  1.00 24.51 ? 25  SER A CB  1 
ATOM   129 O  OG  . SER A 1 19 ? -0.395  7.341   -7.533  1.00 27.20 ? 25  SER A OG  1 
ATOM   130 N  N   . ILE A 1 20 ? -0.182  5.039   -3.359  1.00 21.93 ? 26  ILE A N   1 
ATOM   131 C  CA  . ILE A 1 20 ? -0.686  4.779   -2.015  1.00 20.79 ? 26  ILE A CA  1 
ATOM   132 C  C   . ILE A 1 20 ? 0.410   4.297   -1.060  1.00 19.71 ? 26  ILE A C   1 
ATOM   133 O  O   . ILE A 1 20 ? 1.075   3.294   -1.315  1.00 18.41 ? 26  ILE A O   1 
ATOM   134 C  CB  . ILE A 1 20 ? -1.854  3.746   -2.032  1.00 20.49 ? 26  ILE A CB  1 
ATOM   135 C  CG1 . ILE A 1 20 ? -3.035  4.292   -2.832  1.00 20.18 ? 26  ILE A CG1 1 
ATOM   136 C  CG2 . ILE A 1 20 ? -2.302  3.409   -0.608  1.00 20.55 ? 26  ILE A CG2 1 
ATOM   137 C  CD1 . ILE A 1 20 ? -4.265  3.427   -2.733  1.00 21.14 ? 26  ILE A CD1 1 
ATOM   138 N  N   . CYS A 1 21 ? 0.603   5.050   0.025   1.00 19.07 ? 27  CYS A N   1 
ATOM   139 C  CA  . CYS A 1 21 ? 1.578   4.722   1.067   1.00 18.16 ? 27  CYS A CA  1 
ATOM   140 C  C   . CYS A 1 21 ? 0.823   4.675   2.412   1.00 17.66 ? 27  CYS A C   1 
ATOM   141 O  O   . CYS A 1 21 ? 0.166   5.646   2.799   1.00 17.31 ? 27  CYS A O   1 
ATOM   142 C  CB  . CYS A 1 21 ? 2.708   5.768   1.104   1.00 18.03 ? 27  CYS A CB  1 
ATOM   143 S  SG  . CYS A 1 21 ? 3.979   5.485   2.386   1.00 17.37 ? 27  CYS A SG  1 
ATOM   144 N  N   . CYS A 1 22 ? 0.885   3.529   3.097   1.00 17.63 ? 28  CYS A N   1 
ATOM   145 C  CA  . CYS A 1 22 ? 0.187   3.340   4.372   1.00 17.94 ? 28  CYS A CA  1 
ATOM   146 C  C   . CYS A 1 22 ? 1.072   2.797   5.479   1.00 18.49 ? 28  CYS A C   1 
ATOM   147 O  O   . CYS A 1 22 ? 1.961   1.990   5.235   1.00 18.09 ? 28  CYS A O   1 
ATOM   148 C  CB  . CYS A 1 22 ? -0.998  2.385   4.193   1.00 16.79 ? 28  CYS A CB  1 
ATOM   149 S  SG  . CYS A 1 22 ? -2.250  2.891   2.971   1.00 16.34 ? 28  CYS A SG  1 
ATOM   150 N  N   . GLY A 1 23 ? 0.779   3.207   6.707   1.00 19.83 ? 29  GLY A N   1 
ATOM   151 C  CA  . GLY A 1 23 ? 1.556   2.742   7.839   1.00 20.96 ? 29  GLY A CA  1 
ATOM   152 C  C   . GLY A 1 23 ? 0.714   2.441   9.061   1.00 22.19 ? 29  GLY A C   1 
ATOM   153 O  O   . GLY A 1 23 ? -0.289  3.100   9.311   1.00 22.03 ? 29  GLY A O   1 
ATOM   154 N  N   . ASP A 1 24 ? 1.140   1.427   9.808   1.00 23.38 ? 30  ASP A N   1 
ATOM   155 C  CA  . ASP A 1 24 ? 0.488   0.973   11.034  1.00 24.53 ? 30  ASP A CA  1 
ATOM   156 C  C   . ASP A 1 24 ? 0.030   2.118   11.945  1.00 24.93 ? 30  ASP A C   1 
ATOM   157 O  O   . ASP A 1 24 ? -1.156  2.224   12.278  1.00 26.51 ? 30  ASP A O   1 
ATOM   158 C  CB  . ASP A 1 24 ? 1.461   0.055   11.775  1.00 26.39 ? 30  ASP A CB  1 
ATOM   159 C  CG  . ASP A 1 24 ? 0.979   -0.333  13.154  1.00 28.08 ? 30  ASP A CG  1 
ATOM   160 O  OD1 . ASP A 1 24 ? -0.250  -0.461  13.367  1.00 30.42 ? 30  ASP A OD1 1 
ATOM   161 O  OD2 . ASP A 1 24 ? 1.855   -0.514  14.024  1.00 28.69 ? 30  ASP A OD2 1 
ATOM   162 N  N   . GLU A 1 25 ? 0.970   2.937   12.391  1.00 23.36 ? 31  GLU A N   1 
ATOM   163 C  CA  . GLU A 1 25 ? 0.609   4.070   13.232  1.00 22.20 ? 31  GLU A CA  1 
ATOM   164 C  C   . GLU A 1 25 ? 0.646   5.353   12.413  1.00 22.19 ? 31  GLU A C   1 
ATOM   165 O  O   . GLU A 1 25 ? 0.604   6.455   12.957  1.00 22.42 ? 31  GLU A O   1 
ATOM   166 C  CB  . GLU A 1 25 ? 1.543   4.177   14.437  1.00 20.59 ? 31  GLU A CB  1 
ATOM   167 C  CG  . GLU A 1 25 ? 1.529   2.955   15.345  1.00 18.91 ? 31  GLU A CG  1 
ATOM   168 C  CD  . GLU A 1 25 ? 0.126   2.497   15.733  1.00 18.56 ? 31  GLU A CD  1 
ATOM   169 O  OE1 . GLU A 1 25 ? -0.778  3.349   15.863  1.00 17.71 ? 31  GLU A OE1 1 
ATOM   170 O  OE2 . GLU A 1 25 ? -0.064  1.284   15.943  1.00 15.99 ? 31  GLU A OE2 1 
ATOM   171 N  N   . LEU A 1 26 ? 0.697   5.192   11.094  1.00 21.60 ? 32  LEU A N   1 
ATOM   172 C  CA  . LEU A 1 26 ? 0.747   6.316   10.168  1.00 20.96 ? 32  LEU A CA  1 
ATOM   173 C  C   . LEU A 1 26 ? -0.592  6.641   9.523   1.00 18.92 ? 32  LEU A C   1 
ATOM   174 O  O   . LEU A 1 26 ? -1.017  7.791   9.507   1.00 17.79 ? 32  LEU A O   1 
ATOM   175 C  CB  . LEU A 1 26 ? 1.764   6.032   9.058   1.00 22.46 ? 32  LEU A CB  1 
ATOM   176 C  CG  . LEU A 1 26 ? 3.240   6.050   9.445   1.00 24.71 ? 32  LEU A CG  1 
ATOM   177 C  CD1 . LEU A 1 26 ? 4.106   5.611   8.267   1.00 25.38 ? 32  LEU A CD1 1 
ATOM   178 C  CD2 . LEU A 1 26 ? 3.604   7.457   9.887   1.00 25.74 ? 32  LEU A CD2 1 
ATOM   179 N  N   . GLY A 1 27 ? -1.247  5.610   8.999   1.00 17.80 ? 33  GLY A N   1 
ATOM   180 C  CA  . GLY A 1 27 ? -2.507  5.780   8.296   1.00 16.12 ? 33  GLY A CA  1 
ATOM   181 C  C   . GLY A 1 27 ? -2.197  5.629   6.817   1.00 15.11 ? 33  GLY A C   1 
ATOM   182 O  O   . GLY A 1 27 ? -1.228  4.957   6.467   1.00 14.76 ? 33  GLY A O   1 
ATOM   183 N  N   . CYS A 1 28 ? -2.980  6.256   5.943   1.00 14.61 ? 34  CYS A N   1 
ATOM   184 C  CA  . CYS A 1 28 ? -2.729  6.153   4.504   1.00 14.75 ? 34  CYS A CA  1 
ATOM   185 C  C   . CYS A 1 28 ? -2.532  7.477   3.784   1.00 15.26 ? 34  CYS A C   1 
ATOM   186 O  O   . CYS A 1 28 ? -3.300  8.428   3.950   1.00 14.58 ? 34  CYS A O   1 
ATOM   187 C  CB  . CYS A 1 28 ? -3.830  5.364   3.790   1.00 14.70 ? 34  CYS A CB  1 
ATOM   188 S  SG  . CYS A 1 28 ? -3.802  3.577   4.096   1.00 14.22 ? 34  CYS A SG  1 
ATOM   189 N  N   . PHE A 1 29 ? -1.507  7.506   2.944   1.00 15.21 ? 35  PHE A N   1 
ATOM   190 C  CA  . PHE A 1 29 ? -1.181  8.683   2.161   1.00 16.64 ? 35  PHE A CA  1 
ATOM   191 C  C   . PHE A 1 29 ? -1.559  8.338   0.734   1.00 16.85 ? 35  PHE A C   1 
ATOM   192 O  O   . PHE A 1 29 ? -0.958  7.459   0.112   1.00 16.30 ? 35  PHE A O   1 
ATOM   193 C  CB  . PHE A 1 29 ? 0.314   9.008   2.280   1.00 16.53 ? 35  PHE A CB  1 
ATOM   194 C  CG  . PHE A 1 29 ? 0.765   9.284   3.695   1.00 16.31 ? 35  PHE A CG  1 
ATOM   195 C  CD1 . PHE A 1 29 ? 0.627   10.555  4.248   1.00 16.62 ? 35  PHE A CD1 1 
ATOM   196 C  CD2 . PHE A 1 29 ? 1.314   8.269   4.475   1.00 15.43 ? 35  PHE A CD2 1 
ATOM   197 C  CE1 . PHE A 1 29 ? 1.032   10.804  5.560   1.00 16.86 ? 35  PHE A CE1 1 
ATOM   198 C  CE2 . PHE A 1 29 ? 1.718   8.508   5.783   1.00 14.89 ? 35  PHE A CE2 1 
ATOM   199 C  CZ  . PHE A 1 29 ? 1.578   9.775   6.327   1.00 16.14 ? 35  PHE A CZ  1 
ATOM   200 N  N   . VAL A 1 30 ? -2.628  8.963   0.256   1.00 16.72 ? 36  VAL A N   1 
ATOM   201 C  CA  . VAL A 1 30 ? -3.107  8.716   -1.088  1.00 17.61 ? 36  VAL A CA  1 
ATOM   202 C  C   . VAL A 1 30 ? -2.773  9.912   -1.958  1.00 18.46 ? 36  VAL A C   1 
ATOM   203 O  O   . VAL A 1 30 ? -3.413  10.959  -1.859  1.00 18.37 ? 36  VAL A O   1 
ATOM   204 C  CB  . VAL A 1 30 ? -4.649  8.438   -1.123  1.00 17.71 ? 36  VAL A CB  1 
ATOM   205 C  CG1 . VAL A 1 30 ? -5.090  8.087   -2.543  1.00 17.79 ? 36  VAL A CG1 1 
ATOM   206 C  CG2 . VAL A 1 30 ? -5.011  7.310   -0.169  1.00 17.82 ? 36  VAL A CG2 1 
ATOM   207 N  N   . GLY A 1 31 ? -1.717  9.763   -2.755  1.00 18.90 ? 37  GLY A N   1 
ATOM   208 C  CA  . GLY A 1 31 ? -1.292  10.810  -3.672  1.00 19.09 ? 37  GLY A CA  1 
ATOM   209 C  C   . GLY A 1 31 ? -0.567  12.005  -3.086  1.00 19.50 ? 37  GLY A C   1 
ATOM   210 O  O   . GLY A 1 31 ? -0.585  13.092  -3.667  1.00 18.34 ? 37  GLY A O   1 
ATOM   211 N  N   . THR A 1 32 ? 0.048   11.803  -1.926  1.00 20.45 ? 38  THR A N   1 
ATOM   212 C  CA  . THR A 1 32 ? 0.806   12.843  -1.245  1.00 21.85 ? 38  THR A CA  1 
ATOM   213 C  C   . THR A 1 32 ? 2.297   12.581  -1.507  1.00 22.79 ? 38  THR A C   1 
ATOM   214 O  O   . THR A 1 32 ? 2.656   11.564  -2.106  1.00 22.75 ? 38  THR A O   1 
ATOM   215 C  CB  . THR A 1 32 ? 0.533   12.834  0.288   1.00 20.90 ? 38  THR A CB  1 
ATOM   216 O  OG1 . THR A 1 32 ? 1.056   11.632  0.867   1.00 21.14 ? 38  THR A OG1 1 
ATOM   217 C  CG2 . THR A 1 32 ? -0.970  12.911  0.572   1.00 20.87 ? 38  THR A CG2 1 
ATOM   218 N  N   . ALA A 1 33 ? 3.157   13.492  -1.055  1.00 23.97 ? 39  ALA A N   1 
ATOM   219 C  CA  . ALA A 1 33 ? 4.603   13.351  -1.249  1.00 24.85 ? 39  ALA A CA  1 
ATOM   220 C  C   . ALA A 1 33 ? 5.165   12.018  -0.747  1.00 24.96 ? 39  ALA A C   1 
ATOM   221 O  O   . ALA A 1 33 ? 6.074   11.454  -1.360  1.00 25.43 ? 39  ALA A O   1 
ATOM   222 C  CB  . ALA A 1 33 ? 5.341   14.526  -0.600  1.00 24.77 ? 39  ALA A CB  1 
ATOM   223 N  N   . GLU A 1 34 ? 4.606   11.510  0.350   1.00 24.67 ? 40  GLU A N   1 
ATOM   224 C  CA  . GLU A 1 34 ? 5.042   10.245  0.939   1.00 24.57 ? 40  GLU A CA  1 
ATOM   225 C  C   . GLU A 1 34 ? 4.852   9.048   0.001   1.00 24.47 ? 40  GLU A C   1 
ATOM   226 O  O   . GLU A 1 34 ? 5.484   8.008   0.191   1.00 25.16 ? 40  GLU A O   1 
ATOM   227 C  CB  . GLU A 1 34 ? 4.295   9.968   2.251   1.00 24.31 ? 40  GLU A CB  1 
ATOM   228 C  CG  . GLU A 1 34 ? 4.660   10.867  3.435   1.00 24.78 ? 40  GLU A CG  1 
ATOM   229 C  CD  . GLU A 1 34 ? 3.842   12.156  3.522   1.00 25.67 ? 40  GLU A CD  1 
ATOM   230 O  OE1 . GLU A 1 34 ? 3.220   12.570  2.522   1.00 26.59 ? 40  GLU A OE1 1 
ATOM   231 O  OE2 . GLU A 1 34 ? 3.815   12.765  4.612   1.00 26.57 ? 40  GLU A OE2 1 
ATOM   232 N  N   . ALA A 1 35 ? 3.994   9.205   -1.009  1.00 24.64 ? 41  ALA A N   1 
ATOM   233 C  CA  . ALA A 1 35 ? 3.691   8.132   -1.964  1.00 24.71 ? 41  ALA A CA  1 
ATOM   234 C  C   . ALA A 1 35 ? 4.461   8.196   -3.288  1.00 24.84 ? 41  ALA A C   1 
ATOM   235 O  O   . ALA A 1 35 ? 4.315   7.318   -4.151  1.00 24.82 ? 41  ALA A O   1 
ATOM   236 C  CB  . ALA A 1 35 ? 2.183   8.097   -2.233  1.00 23.92 ? 41  ALA A CB  1 
ATOM   237 N  N   . LEU A 1 36 ? 5.279   9.230   -3.443  1.00 25.71 ? 42  LEU A N   1 
ATOM   238 C  CA  . LEU A 1 36 ? 6.063   9.433   -4.655  1.00 26.21 ? 42  LEU A CA  1 
ATOM   239 C  C   . LEU A 1 36 ? 6.958   8.234   -4.964  1.00 25.94 ? 42  LEU A C   1 
ATOM   240 O  O   . LEU A 1 36 ? 6.976   7.744   -6.092  1.00 26.15 ? 42  LEU A O   1 
ATOM   241 C  CB  . LEU A 1 36 ? 6.913   10.691  -4.508  1.00 28.41 ? 42  LEU A CB  1 
ATOM   242 C  CG  . LEU A 1 36 ? 7.404   11.454  -5.742  1.00 30.88 ? 42  LEU A CG  1 
ATOM   243 C  CD1 . LEU A 1 36 ? 8.146   12.684  -5.260  1.00 32.23 ? 42  LEU A CD1 1 
ATOM   244 C  CD2 . LEU A 1 36 ? 8.305   10.607  -6.638  1.00 33.24 ? 42  LEU A CD2 1 
ATOM   245 N  N   . ARG A 1 37 ? 7.676   7.744   -3.958  1.00 25.08 ? 43  ARG A N   1 
ATOM   246 C  CA  . ARG A 1 37 ? 8.577   6.609   -4.148  1.00 25.15 ? 43  ARG A CA  1 
ATOM   247 C  C   . ARG A 1 37 ? 7.875   5.293   -4.499  1.00 24.89 ? 43  ARG A C   1 
ATOM   248 O  O   . ARG A 1 37 ? 8.523   4.301   -4.835  1.00 24.76 ? 43  ARG A O   1 
ATOM   249 C  CB  . ARG A 1 37 ? 9.433   6.400   -2.904  1.00 26.94 ? 43  ARG A CB  1 
ATOM   250 C  CG  . ARG A 1 37 ? 10.560  5.425   -3.149  1.00 28.28 ? 43  ARG A CG  1 
ATOM   251 C  CD  . ARG A 1 37 ? 10.804  4.519   -1.978  1.00 30.64 ? 43  ARG A CD  1 
ATOM   252 N  NE  . ARG A 1 37 ? 11.866  3.587   -2.312  1.00 32.73 ? 43  ARG A NE  1 
ATOM   253 C  CZ  . ARG A 1 37 ? 12.456  2.771   -1.448  1.00 34.85 ? 43  ARG A CZ  1 
ATOM   254 N  NH1 . ARG A 1 37 ? 12.082  2.758   -0.175  1.00 35.08 ? 43  ARG A NH1 1 
ATOM   255 N  NH2 . ARG A 1 37 ? 13.446  1.988   -1.857  1.00 34.41 ? 43  ARG A NH2 1 
ATOM   256 N  N   . CYS A 1 38 ? 6.552   5.278   -4.391  1.00 24.38 ? 44  CYS A N   1 
ATOM   257 C  CA  . CYS A 1 38 ? 5.771   4.086   -4.694  1.00 24.64 ? 44  CYS A CA  1 
ATOM   258 C  C   . CYS A 1 38 ? 5.686   3.811   -6.202  1.00 25.83 ? 44  CYS A C   1 
ATOM   259 O  O   . CYS A 1 38 ? 5.409   2.685   -6.629  1.00 26.04 ? 44  CYS A O   1 
ATOM   260 C  CB  . CYS A 1 38 ? 4.374   4.201   -4.066  1.00 22.76 ? 44  CYS A CB  1 
ATOM   261 S  SG  . CYS A 1 38 ? 4.360   4.180   -2.237  1.00 18.57 ? 44  CYS A SG  1 
ATOM   262 N  N   . GLN A 1 39 ? 5.949   4.841   -6.998  1.00 27.37 ? 45  GLN A N   1 
ATOM   263 C  CA  . GLN A 1 39 ? 5.925   4.728   -8.452  1.00 29.01 ? 45  GLN A CA  1 
ATOM   264 C  C   . GLN A 1 39 ? 7.003   3.760   -8.915  1.00 28.40 ? 45  GLN A C   1 
ATOM   265 O  O   . GLN A 1 39 ? 6.861   3.087   -9.937  1.00 28.36 ? 45  GLN A O   1 
ATOM   266 C  CB  . GLN A 1 39 ? 6.217   6.084   -9.080  1.00 31.79 ? 45  GLN A CB  1 
ATOM   267 C  CG  . GLN A 1 39 ? 5.585   6.251   -10.434 1.00 36.70 ? 45  GLN A CG  1 
ATOM   268 C  CD  . GLN A 1 39 ? 4.129   6.643   -10.320 1.00 39.04 ? 45  GLN A CD  1 
ATOM   269 O  OE1 . GLN A 1 39 ? 3.649   6.980   -9.230  1.00 41.51 ? 45  GLN A OE1 1 
ATOM   270 N  NE2 . GLN A 1 39 ? 3.420   6.629   -11.445 1.00 41.49 ? 45  GLN A NE2 1 
ATOM   271 N  N   . GLU A 1 40 ? 8.090   3.724   -8.151  1.00 27.98 ? 46  GLU A N   1 
ATOM   272 C  CA  . GLU A 1 40 ? 9.238   2.879   -8.438  1.00 28.58 ? 46  GLU A CA  1 
ATOM   273 C  C   . GLU A 1 40 ? 8.920   1.395   -8.545  1.00 27.99 ? 46  GLU A C   1 
ATOM   274 O  O   . GLU A 1 40 ? 9.652   0.640   -9.195  1.00 27.70 ? 46  GLU A O   1 
ATOM   275 C  CB  . GLU A 1 40 ? 10.339  3.112   -7.406  1.00 29.38 ? 46  GLU A CB  1 
ATOM   276 C  CG  . GLU A 1 40 ? 10.925  4.520   -7.440  1.00 31.64 ? 46  GLU A CG  1 
ATOM   277 C  CD  . GLU A 1 40 ? 12.175  4.668   -6.578  1.00 33.08 ? 46  GLU A CD  1 
ATOM   278 O  OE1 . GLU A 1 40 ? 12.806  3.638   -6.237  1.00 33.24 ? 46  GLU A OE1 1 
ATOM   279 O  OE2 . GLU A 1 40 ? 12.532  5.823   -6.252  1.00 33.72 ? 46  GLU A OE2 1 
ATOM   280 N  N   . GLU A 1 41 ? 7.839   0.975   -7.900  1.00 26.75 ? 47  GLU A N   1 
ATOM   281 C  CA  . GLU A 1 41 ? 7.420   -0.414  -7.953  1.00 26.13 ? 47  GLU A CA  1 
ATOM   282 C  C   . GLU A 1 41 ? 7.018   -0.812  -9.362  1.00 26.20 ? 47  GLU A C   1 
ATOM   283 O  O   . GLU A 1 41 ? 7.225   -1.955  -9.775  1.00 24.98 ? 47  GLU A O   1 
ATOM   284 C  CB  . GLU A 1 41 ? 6.250   -0.655  -7.011  1.00 25.36 ? 47  GLU A CB  1 
ATOM   285 C  CG  . GLU A 1 41 ? 6.671   -1.141  -5.657  1.00 23.99 ? 47  GLU A CG  1 
ATOM   286 C  CD  . GLU A 1 41 ? 7.304   -2.517  -5.696  1.00 22.72 ? 47  GLU A CD  1 
ATOM   287 O  OE1 . GLU A 1 41 ? 7.912   -2.889  -4.681  1.00 23.21 ? 47  GLU A OE1 1 
ATOM   288 O  OE2 . GLU A 1 41 ? 7.187   -3.233  -6.718  1.00 22.89 ? 47  GLU A OE2 1 
ATOM   289 N  N   . ASN A 1 42 ? 6.461   0.144   -10.101 1.00 27.09 ? 48  ASN A N   1 
ATOM   290 C  CA  . ASN A 1 42 ? 6.017   -0.096  -11.467 1.00 28.34 ? 48  ASN A CA  1 
ATOM   291 C  C   . ASN A 1 42 ? 7.181   -0.558  -12.333 1.00 29.31 ? 48  ASN A C   1 
ATOM   292 O  O   . ASN A 1 42 ? 6.973   -1.223  -13.345 1.00 29.21 ? 48  ASN A O   1 
ATOM   293 C  CB  . ASN A 1 42 ? 5.391   1.172   -12.068 1.00 28.72 ? 48  ASN A CB  1 
ATOM   294 C  CG  . ASN A 1 42 ? 4.162   1.648   -11.301 1.00 29.08 ? 48  ASN A CG  1 
ATOM   295 O  OD1 . ASN A 1 42 ? 3.882   2.844   -11.243 1.00 28.82 ? 48  ASN A OD1 1 
ATOM   296 N  ND2 . ASN A 1 42 ? 3.424   0.711   -10.713 1.00 28.68 ? 48  ASN A ND2 1 
ATOM   297 N  N   . TYR A 1 43 ? 8.400   -0.234  -11.900 1.00 29.89 ? 49  TYR A N   1 
ATOM   298 C  CA  . TYR A 1 43 ? 9.624   -0.587  -12.622 1.00 31.08 ? 49  TYR A CA  1 
ATOM   299 C  C   . TYR A 1 43 ? 10.248  -1.938  -12.235 1.00 31.07 ? 49  TYR A C   1 
ATOM   300 O  O   . TYR A 1 43 ? 10.980  -2.537  -13.023 1.00 31.73 ? 49  TYR A O   1 
ATOM   301 C  CB  . TYR A 1 43 ? 10.661  0.544   -12.491 1.00 32.11 ? 49  TYR A CB  1 
ATOM   302 C  CG  . TYR A 1 43 ? 10.165  1.918   -12.940 1.00 33.74 ? 49  TYR A CG  1 
ATOM   303 C  CD1 . TYR A 1 43 ? 10.491  3.073   -12.220 1.00 34.07 ? 49  TYR A CD1 1 
ATOM   304 C  CD2 . TYR A 1 43 ? 9.354   2.060   -14.071 1.00 34.26 ? 49  TYR A CD2 1 
ATOM   305 C  CE1 . TYR A 1 43 ? 10.012  4.332   -12.608 1.00 34.38 ? 49  TYR A CE1 1 
ATOM   306 C  CE2 . TYR A 1 43 ? 8.868   3.317   -14.465 1.00 34.42 ? 49  TYR A CE2 1 
ATOM   307 C  CZ  . TYR A 1 43 ? 9.202   4.444   -13.727 1.00 34.27 ? 49  TYR A CZ  1 
ATOM   308 O  OH  . TYR A 1 43 ? 8.696   5.671   -14.092 1.00 35.42 ? 49  TYR A OH  1 
ATOM   309 N  N   . LEU A 1 44 ? 9.956   -2.415  -11.031 1.00 31.22 ? 50  LEU A N   1 
ATOM   310 C  CA  . LEU A 1 44 ? 10.486  -3.693  -10.550 1.00 31.21 ? 50  LEU A CA  1 
ATOM   311 C  C   . LEU A 1 44 ? 9.663   -4.854  -11.133 1.00 32.91 ? 50  LEU A C   1 
ATOM   312 O  O   . LEU A 1 44 ? 8.431   -4.830  -11.102 1.00 33.40 ? 50  LEU A O   1 
ATOM   313 C  CB  . LEU A 1 44 ? 10.471  -3.732  -9.015  1.00 29.30 ? 50  LEU A CB  1 
ATOM   314 C  CG  . LEU A 1 44 ? 10.903  -2.435  -8.312  1.00 27.94 ? 50  LEU A CG  1 
ATOM   315 C  CD1 . LEU A 1 44 ? 10.921  -2.613  -6.798  1.00 26.50 ? 50  LEU A CD1 1 
ATOM   316 C  CD2 . LEU A 1 44 ? 12.266  -1.996  -8.817  1.00 26.97 ? 50  LEU A CD2 1 
ATOM   317 N  N   . PRO A 1 45 ? 10.337  -5.867  -11.710 1.00 34.23 ? 51  PRO A N   1 
ATOM   318 C  CA  . PRO A 1 45 ? 9.731   -7.057  -12.325 1.00 34.20 ? 51  PRO A CA  1 
ATOM   319 C  C   . PRO A 1 45 ? 8.966   -7.947  -11.360 1.00 33.52 ? 51  PRO A C   1 
ATOM   320 O  O   . PRO A 1 45 ? 7.887   -8.443  -11.670 1.00 34.10 ? 51  PRO A O   1 
ATOM   321 C  CB  . PRO A 1 45 ? 10.941  -7.804  -12.892 1.00 35.00 ? 51  PRO A CB  1 
ATOM   322 C  CG  . PRO A 1 45 ? 11.923  -6.699  -13.173 1.00 35.61 ? 51  PRO A CG  1 
ATOM   323 C  CD  . PRO A 1 45 ? 11.796  -5.860  -11.929 1.00 35.11 ? 51  PRO A CD  1 
ATOM   324 N  N   . SER A 1 46 ? 9.577   -8.195  -10.210 1.00 32.99 ? 52  SER A N   1 
ATOM   325 C  CA  . SER A 1 46 ? 8.987   -9.032  -9.182  1.00 32.16 ? 52  SER A CA  1 
ATOM   326 C  C   . SER A 1 46 ? 7.684   -8.464  -8.602  1.00 31.99 ? 52  SER A C   1 
ATOM   327 O  O   . SER A 1 46 ? 7.601   -7.281  -8.256  1.00 31.79 ? 52  SER A O   1 
ATOM   328 C  CB  . SER A 1 46 ? 10.011  -9.256  -8.065  1.00 32.13 ? 52  SER A CB  1 
ATOM   329 O  OG  . SER A 1 46 ? 10.662  -8.043  -7.719  1.00 32.63 ? 52  SER A OG  1 
ATOM   330 N  N   . PRO A 1 47 ? 6.632   -9.302  -8.534  1.00 30.76 ? 53  PRO A N   1 
ATOM   331 C  CA  . PRO A 1 47 ? 5.330   -8.897  -7.997  1.00 29.56 ? 53  PRO A CA  1 
ATOM   332 C  C   . PRO A 1 47 ? 5.378   -8.769  -6.477  1.00 28.65 ? 53  PRO A C   1 
ATOM   333 O  O   . PRO A 1 47 ? 5.978   -9.600  -5.793  1.00 28.50 ? 53  PRO A O   1 
ATOM   334 C  CB  . PRO A 1 47 ? 4.421   -10.049 -8.427  1.00 29.60 ? 53  PRO A CB  1 
ATOM   335 C  CG  . PRO A 1 47 ? 5.334   -11.213 -8.399  1.00 29.62 ? 53  PRO A CG  1 
ATOM   336 C  CD  . PRO A 1 47 ? 6.560   -10.663 -9.089  1.00 29.92 ? 53  PRO A CD  1 
ATOM   337 N  N   . CYS A 1 48 ? 4.740   -7.727  -5.953  1.00 27.91 ? 54  CYS A N   1 
ATOM   338 C  CA  . CYS A 1 48 ? 4.707   -7.493  -4.513  1.00 26.46 ? 54  CYS A CA  1 
ATOM   339 C  C   . CYS A 1 48 ? 3.283   -7.248  -4.030  1.00 26.51 ? 54  CYS A C   1 
ATOM   340 O  O   . CYS A 1 48 ? 2.395   -6.944  -4.823  1.00 26.30 ? 54  CYS A O   1 
ATOM   341 C  CB  . CYS A 1 48 ? 5.559   -6.267  -4.159  1.00 25.24 ? 54  CYS A CB  1 
ATOM   342 S  SG  . CYS A 1 48 ? 4.890   -4.683  -4.775  1.00 24.39 ? 54  CYS A SG  1 
ATOM   343 N  N   . GLN A 1 49 ? 3.067   -7.440  -2.734  1.00 27.11 ? 55  GLN A N   1 
ATOM   344 C  CA  . GLN A 1 49 ? 1.776   -7.166  -2.122  1.00 28.17 ? 55  GLN A CA  1 
ATOM   345 C  C   . GLN A 1 49 ? 2.034   -6.835  -0.677  1.00 27.45 ? 55  GLN A C   1 
ATOM   346 O  O   . GLN A 1 49 ? 2.696   -7.588  0.034   1.00 27.13 ? 55  GLN A O   1 
ATOM   347 C  CB  . GLN A 1 49 ? 0.781   -8.330  -2.216  1.00 30.22 ? 55  GLN A CB  1 
ATOM   348 C  CG  . GLN A 1 49 ? -0.563  -8.004  -1.522  1.00 33.56 ? 55  GLN A CG  1 
ATOM   349 C  CD  . GLN A 1 49 ? -1.623  -9.097  -1.643  1.00 36.05 ? 55  GLN A CD  1 
ATOM   350 O  OE1 . GLN A 1 49 ? -1.321  -10.289 -1.569  1.00 37.82 ? 55  GLN A OE1 1 
ATOM   351 N  NE2 . GLN A 1 49 ? -2.880  -8.685  -1.798  1.00 37.34 ? 55  GLN A NE2 1 
ATOM   352 N  N   . SER A 1 50 ? 1.535   -5.679  -0.263  1.00 27.22 ? 56  SER A N   1 
ATOM   353 C  CA  . SER A 1 50 ? 1.697   -5.234  1.101   1.00 27.75 ? 56  SER A CA  1 
ATOM   354 C  C   . SER A 1 50 ? 0.493   -5.610  1.936   1.00 27.82 ? 56  SER A C   1 
ATOM   355 O  O   . SER A 1 50 ? -0.527  -6.035  1.410   1.00 28.02 ? 56  SER A O   1 
ATOM   356 C  CB  . SER A 1 50 ? 1.932   -3.730  1.141   1.00 26.86 ? 56  SER A CB  1 
ATOM   357 O  OG  . SER A 1 50 ? 3.206   -3.419  0.615   1.00 27.24 ? 56  SER A OG  1 
ATOM   358 N  N   . GLY A 1 51 ? 0.620   -5.438  3.244   1.00 29.12 ? 57  GLY A N   1 
ATOM   359 C  CA  . GLY A 1 51 ? -0.466  -5.772  4.140   1.00 30.46 ? 57  GLY A CA  1 
ATOM   360 C  C   . GLY A 1 51 ? -0.422  -7.244  4.456   1.00 31.39 ? 57  GLY A C   1 
ATOM   361 O  O   . GLY A 1 51 ? 0.516   -7.941  4.073   1.00 32.37 ? 57  GLY A O   1 
ATOM   362 N  N   . GLN A 1 52 ? -1.453  -7.736  5.125   1.00 32.73 ? 58  GLN A N   1 
ATOM   363 C  CA  . GLN A 1 52 ? -1.494  -9.142  5.481   1.00 33.88 ? 58  GLN A CA  1 
ATOM   364 C  C   . GLN A 1 52 ? -2.923  -9.640  5.457   1.00 33.82 ? 58  GLN A C   1 
ATOM   365 O  O   . GLN A 1 52 ? -3.242  -10.616 4.786   1.00 34.33 ? 58  GLN A O   1 
ATOM   366 C  CB  . GLN A 1 52 ? -0.891  -9.336  6.869   1.00 34.62 ? 58  GLN A CB  1 
ATOM   367 C  CG  . GLN A 1 52 ? -0.805  -10.778 7.312   1.00 37.04 ? 58  GLN A CG  1 
ATOM   368 C  CD  . GLN A 1 52 ? -0.278  -10.916 8.727   1.00 38.91 ? 58  GLN A CD  1 
ATOM   369 O  OE1 . GLN A 1 52 ? -0.240  -9.944  9.481   1.00 41.88 ? 58  GLN A OE1 1 
ATOM   370 N  NE2 . GLN A 1 52 ? 0.126   -12.127 9.098   1.00 39.37 ? 58  GLN A NE2 1 
ATOM   371 N  N   . LYS A 1 53 ? -3.782  -8.955  6.197   1.00 32.89 ? 59  LYS A N   1 
ATOM   372 C  CA  . LYS A 1 53 ? -5.178  -9.325  6.277   1.00 32.50 ? 59  LYS A CA  1 
ATOM   373 C  C   . LYS A 1 53 ? -5.968  -8.767  5.107   1.00 31.61 ? 59  LYS A C   1 
ATOM   374 O  O   . LYS A 1 53 ? -6.055  -7.554  4.925   1.00 31.78 ? 59  LYS A O   1 
ATOM   375 C  CB  . LYS A 1 53 ? -5.780  -8.838  7.594   1.00 33.44 ? 59  LYS A CB  1 
ATOM   376 C  CG  . LYS A 1 53 ? -7.234  -9.245  7.820   1.00 35.87 ? 59  LYS A CG  1 
ATOM   377 C  CD  . LYS A 1 53 ? -7.712  -8.839  9.213   1.00 38.49 ? 59  LYS A CD  1 
ATOM   378 C  CE  . LYS A 1 53 ? -9.151  -9.278  9.464   1.00 39.29 ? 59  LYS A CE  1 
ATOM   379 N  NZ  . LYS A 1 53 ? -9.608  -8.997  10.864  1.00 40.65 ? 59  LYS A NZ  1 
ATOM   380 N  N   . PRO A 1 54 ? -6.503  -9.654  4.258   1.00 31.12 ? 60  PRO A N   1 
ATOM   381 C  CA  . PRO A 1 54 ? -7.295  -9.249  3.096   1.00 30.30 ? 60  PRO A CA  1 
ATOM   382 C  C   . PRO A 1 54 ? -8.658  -8.694  3.520   1.00 29.91 ? 60  PRO A C   1 
ATOM   383 O  O   . PRO A 1 54 ? -9.212  -9.077  4.555   1.00 30.53 ? 60  PRO A O   1 
ATOM   384 C  CB  . PRO A 1 54 ? -7.432  -10.547 2.305   1.00 30.42 ? 60  PRO A CB  1 
ATOM   385 C  CG  . PRO A 1 54 ? -7.369  -11.601 3.360   1.00 30.26 ? 60  PRO A CG  1 
ATOM   386 C  CD  . PRO A 1 54 ? -6.275  -11.111 4.258   1.00 30.58 ? 60  PRO A CD  1 
ATOM   387 N  N   . CYS A 1 55 ? -9.193  -7.800  2.698   1.00 28.34 ? 61  CYS A N   1 
ATOM   388 C  CA  . CYS A 1 55 ? -10.474 -7.142  2.960   1.00 26.91 ? 61  CYS A CA  1 
ATOM   389 C  C   . CYS A 1 55 ? -10.962 -6.529  1.646   1.00 27.68 ? 61  CYS A C   1 
ATOM   390 O  O   . CYS A 1 55 ? -10.167 -6.341  0.718   1.00 28.66 ? 61  CYS A O   1 
ATOM   391 C  CB  . CYS A 1 55 ? -10.266 -6.035  3.997   1.00 24.64 ? 61  CYS A CB  1 
ATOM   392 S  SG  . CYS A 1 55 ? -8.772  -5.042  3.648   1.00 20.76 ? 61  CYS A SG  1 
ATOM   393 N  N   . GLY A 1 56 ? -12.263 -6.252  1.551   1.00 27.81 ? 62  GLY A N   1 
ATOM   394 C  CA  . GLY A 1 56 ? -12.824 -5.663  0.342   1.00 28.08 ? 62  GLY A CA  1 
ATOM   395 C  C   . GLY A 1 56 ? -12.431 -6.281  -0.996  1.00 27.86 ? 62  GLY A C   1 
ATOM   396 O  O   . GLY A 1 56 ? -12.104 -7.469  -1.086  1.00 28.61 ? 62  GLY A O   1 
ATOM   397 N  N   . SER A 1 57 ? -12.461 -5.452  -2.037  1.00 27.95 ? 63  SER A N   1 
ATOM   398 C  CA  . SER A 1 57 ? -12.117 -5.872  -3.392  1.00 27.72 ? 63  SER A CA  1 
ATOM   399 C  C   . SER A 1 57 ? -10.611 -6.034  -3.566  1.00 26.92 ? 63  SER A C   1 
ATOM   400 O  O   . SER A 1 57 ? -9.917  -5.091  -3.956  1.00 27.25 ? 63  SER A O   1 
ATOM   401 C  CB  . SER A 1 57 ? -12.640 -4.857  -4.417  1.00 28.26 ? 63  SER A CB  1 
ATOM   402 O  OG  . SER A 1 57 ? -14.039 -4.664  -4.285  1.00 29.97 ? 63  SER A OG  1 
ATOM   403 N  N   . GLY A 1 58 ? -10.115 -7.231  -3.267  1.00 25.43 ? 64  GLY A N   1 
ATOM   404 C  CA  . GLY A 1 58 ? -8.699  -7.518  -3.413  1.00 23.87 ? 64  GLY A CA  1 
ATOM   405 C  C   . GLY A 1 58 ? -7.781  -6.609  -2.623  1.00 22.58 ? 64  GLY A C   1 
ATOM   406 O  O   . GLY A 1 58 ? -6.643  -6.368  -3.024  1.00 21.97 ? 64  GLY A O   1 
ATOM   407 N  N   . GLY A 1 59 ? -8.270  -6.127  -1.488  1.00 22.06 ? 65  GLY A N   1 
ATOM   408 C  CA  . GLY A 1 59 ? -7.471  -5.246  -0.668  1.00 21.65 ? 65  GLY A CA  1 
ATOM   409 C  C   . GLY A 1 59 ? -6.809  -5.936  0.500   1.00 21.82 ? 65  GLY A C   1 
ATOM   410 O  O   . GLY A 1 59 ? -7.042  -7.108  0.773   1.00 21.47 ? 65  GLY A O   1 
ATOM   411 N  N   . ARG A 1 60 ? -5.928  -5.199  1.155   1.00 23.12 ? 66  ARG A N   1 
ATOM   412 C  CA  . ARG A 1 60 ? -5.219  -5.675  2.331   1.00 24.10 ? 66  ARG A CA  1 
ATOM   413 C  C   . ARG A 1 60 ? -5.410  -4.584  3.365   1.00 23.72 ? 66  ARG A C   1 
ATOM   414 O  O   . ARG A 1 60 ? -5.596  -3.420  2.999   1.00 23.35 ? 66  ARG A O   1 
ATOM   415 C  CB  . ARG A 1 60 ? -3.735  -5.850  2.031   1.00 26.18 ? 66  ARG A CB  1 
ATOM   416 C  CG  . ARG A 1 60 ? -3.422  -7.100  1.261   1.00 29.92 ? 66  ARG A CG  1 
ATOM   417 C  CD  . ARG A 1 60 ? -3.886  -8.325  2.032   1.00 34.05 ? 66  ARG A CD  1 
ATOM   418 N  NE  . ARG A 1 60 ? -3.295  -9.552  1.509   1.00 36.50 ? 66  ARG A NE  1 
ATOM   419 C  CZ  . ARG A 1 60 ? -2.012  -9.870  1.636   1.00 39.17 ? 66  ARG A CZ  1 
ATOM   420 N  NH1 . ARG A 1 60 ? -1.551  -11.006 1.130   1.00 40.22 ? 66  ARG A NH1 1 
ATOM   421 N  NH2 . ARG A 1 60 ? -1.185  -9.054  2.271   1.00 40.09 ? 66  ARG A NH2 1 
ATOM   422 N  N   . CYS A 1 61 ? -5.446  -4.953  4.643   1.00 22.97 ? 67  CYS A N   1 
ATOM   423 C  CA  . CYS A 1 61 ? -5.601  -3.948  5.696   1.00 23.03 ? 67  CYS A CA  1 
ATOM   424 C  C   . CYS A 1 61 ? -4.310  -3.134  5.745   1.00 22.79 ? 67  CYS A C   1 
ATOM   425 O  O   . CYS A 1 61 ? -3.258  -3.648  6.134   1.00 22.07 ? 67  CYS A O   1 
ATOM   426 C  CB  . CYS A 1 61 ? -5.895  -4.603  7.044   1.00 23.38 ? 67  CYS A CB  1 
ATOM   427 S  SG  . CYS A 1 61 ? -7.552  -5.365  7.160   1.00 23.36 ? 67  CYS A SG  1 
ATOM   428 N  N   . ALA A 1 62 ? -4.401  -1.887  5.280   1.00 22.21 ? 68  ALA A N   1 
ATOM   429 C  CA  . ALA A 1 62 ? -3.257  -0.976  5.187   1.00 22.42 ? 68  ALA A CA  1 
ATOM   430 C  C   . ALA A 1 62 ? -2.852  -0.250  6.465   1.00 22.18 ? 68  ALA A C   1 
ATOM   431 O  O   . ALA A 1 62 ? -1.673  0.032   6.690   1.00 22.35 ? 68  ALA A O   1 
ATOM   432 C  CB  . ALA A 1 62 ? -3.508  0.029   4.088   1.00 23.19 ? 68  ALA A CB  1 
ATOM   433 N  N   . ALA A 1 63 ? -3.847  0.103   7.265   1.00 22.04 ? 69  ALA A N   1 
ATOM   434 C  CA  . ALA A 1 63 ? -3.628  0.785   8.524   1.00 21.54 ? 69  ALA A CA  1 
ATOM   435 C  C   . ALA A 1 63 ? -4.853  0.498   9.389   1.00 21.63 ? 69  ALA A C   1 
ATOM   436 O  O   . ALA A 1 63 ? -5.682  -0.347  9.045   1.00 21.44 ? 69  ALA A O   1 
ATOM   437 C  CB  . ALA A 1 63 ? -3.457  2.268   8.291   1.00 21.11 ? 69  ALA A CB  1 
ATOM   438 N  N   . ALA A 1 64 ? -4.958  1.183   10.519  1.00 22.18 ? 70  ALA A N   1 
ATOM   439 C  CA  . ALA A 1 64 ? -6.081  0.994   11.439  1.00 22.18 ? 70  ALA A CA  1 
ATOM   440 C  C   . ALA A 1 64 ? -7.427  1.341   10.794  1.00 21.63 ? 70  ALA A C   1 
ATOM   441 O  O   . ALA A 1 64 ? -7.668  2.488   10.427  1.00 21.86 ? 70  ALA A O   1 
ATOM   442 C  CB  . ALA A 1 64 ? -5.861  1.828   12.709  1.00 23.11 ? 70  ALA A CB  1 
ATOM   443 N  N   . GLY A 1 65 ? -8.288  0.338   10.646  1.00 20.59 ? 71  GLY A N   1 
ATOM   444 C  CA  . GLY A 1 65 ? -9.586  0.559   10.040  1.00 19.03 ? 71  GLY A CA  1 
ATOM   445 C  C   . GLY A 1 65 ? -9.530  0.977   8.579   1.00 18.09 ? 71  GLY A C   1 
ATOM   446 O  O   . GLY A 1 65 ? -10.491 1.544   8.067   1.00 17.86 ? 71  GLY A O   1 
ATOM   447 N  N   . ILE A 1 66 ? -8.405  0.736   7.910   1.00 16.83 ? 72  ILE A N   1 
ATOM   448 C  CA  . ILE A 1 66 ? -8.286  1.095   6.497   1.00 15.97 ? 72  ILE A CA  1 
ATOM   449 C  C   . ILE A 1 66 ? -7.844  -0.061  5.616   1.00 14.98 ? 72  ILE A C   1 
ATOM   450 O  O   . ILE A 1 66 ? -6.831  -0.720  5.865   1.00 13.54 ? 72  ILE A O   1 
ATOM   451 C  CB  . ILE A 1 66 ? -7.332  2.291   6.241   1.00 16.84 ? 72  ILE A CB  1 
ATOM   452 C  CG1 . ILE A 1 66 ? -7.786  3.530   7.008   1.00 17.43 ? 72  ILE A CG1 1 
ATOM   453 C  CG2 . ILE A 1 66 ? -7.328  2.649   4.756   1.00 15.48 ? 72  ILE A CG2 1 
ATOM   454 C  CD1 . ILE A 1 66 ? -6.711  4.566   7.115   1.00 18.08 ? 72  ILE A CD1 1 
ATOM   455 N  N   . CYS A 1 67 ? -8.625  -0.271  4.564   1.00 14.59 ? 73  CYS A N   1 
ATOM   456 C  CA  . CYS A 1 67 ? -8.375  -1.315  3.584   1.00 14.89 ? 73  CYS A CA  1 
ATOM   457 C  C   . CYS A 1 67 ? -7.995  -0.674  2.248   1.00 13.57 ? 73  CYS A C   1 
ATOM   458 O  O   . CYS A 1 67 ? -8.687  0.224   1.763   1.00 13.27 ? 73  CYS A O   1 
ATOM   459 C  CB  . CYS A 1 67 ? -9.638  -2.160  3.417   1.00 16.33 ? 73  CYS A CB  1 
ATOM   460 S  SG  . CYS A 1 67 ? -9.406  -3.608  2.353   1.00 18.56 ? 73  CYS A SG  1 
ATOM   461 N  N   . CYS A 1 68 ? -6.895  -1.127  1.656   1.00 13.00 ? 74  CYS A N   1 
ATOM   462 C  CA  . CYS A 1 68 ? -6.452  -0.573  0.383   1.00 12.66 ? 74  CYS A CA  1 
ATOM   463 C  C   . CYS A 1 68 ? -5.971  -1.626  -0.588  1.00 12.52 ? 74  CYS A C   1 
ATOM   464 O  O   . CYS A 1 68 ? -5.454  -2.677  -0.196  1.00 11.99 ? 74  CYS A O   1 
ATOM   465 C  CB  . CYS A 1 68 ? -5.285  0.414   0.564   1.00 13.47 ? 74  CYS A CB  1 
ATOM   466 S  SG  . CYS A 1 68 ? -5.483  1.767   1.757   1.00 15.16 ? 74  CYS A SG  1 
ATOM   467 N  N   . ASN A 1 69 ? -6.186  -1.343  -1.867  1.00 12.67 ? 75  ASN A N   1 
ATOM   468 C  CA  . ASN A 1 69 ? -5.672  -2.197  -2.930  1.00 13.48 ? 75  ASN A CA  1 
ATOM   469 C  C   . ASN A 1 69 ? -4.705  -1.261  -3.669  1.00 14.81 ? 75  ASN A C   1 
ATOM   470 O  O   . ASN A 1 69 ? -4.372  -0.198  -3.140  1.00 15.05 ? 75  ASN A O   1 
ATOM   471 C  CB  . ASN A 1 69 ? -6.775  -2.815  -3.825  1.00 11.22 ? 75  ASN A CB  1 
ATOM   472 C  CG  . ASN A 1 69 ? -7.693  -1.788  -4.472  1.00 10.47 ? 75  ASN A CG  1 
ATOM   473 O  OD1 . ASN A 1 69 ? -7.385  -0.608  -4.577  1.00 10.52 ? 75  ASN A OD1 1 
ATOM   474 N  ND2 . ASN A 1 69 ? -8.833  -2.269  -4.951  1.00 10.49 ? 75  ASN A ND2 1 
ATOM   475 N  N   . ASP A 1 70 ? -4.273  -1.614  -4.875  1.00 16.02 ? 76  ASP A N   1 
ATOM   476 C  CA  . ASP A 1 70 ? -3.324  -0.765  -5.598  1.00 17.41 ? 76  ASP A CA  1 
ATOM   477 C  C   . ASP A 1 70 ? -3.831  0.575   -6.116  1.00 17.45 ? 76  ASP A C   1 
ATOM   478 O  O   . ASP A 1 70 ? -3.050  1.364   -6.641  1.00 18.06 ? 76  ASP A O   1 
ATOM   479 C  CB  . ASP A 1 70 ? -2.670  -1.547  -6.747  1.00 19.74 ? 76  ASP A CB  1 
ATOM   480 C  CG  . ASP A 1 70 ? -3.675  -2.061  -7.767  1.00 21.81 ? 76  ASP A CG  1 
ATOM   481 O  OD1 . ASP A 1 70 ? -3.316  -2.972  -8.551  1.00 22.18 ? 76  ASP A OD1 1 
ATOM   482 O  OD2 . ASP A 1 70 ? -4.826  -1.560  -7.786  1.00 23.93 ? 76  ASP A OD2 1 
ATOM   483 N  N   . GLU A 1 71 ? -5.112  0.867   -5.916  1.00 16.23 ? 77  GLU A N   1 
ATOM   484 C  CA  . GLU A 1 71 ? -5.668  2.112   -6.435  1.00 16.07 ? 77  GLU A CA  1 
ATOM   485 C  C   . GLU A 1 71 ? -6.683  2.828   -5.568  1.00 14.67 ? 77  GLU A C   1 
ATOM   486 O  O   . GLU A 1 71 ? -7.186  3.888   -5.946  1.00 14.25 ? 77  GLU A O   1 
ATOM   487 C  CB  . GLU A 1 71 ? -6.324  1.820   -7.768  1.00 18.10 ? 77  GLU A CB  1 
ATOM   488 C  CG  . GLU A 1 71 ? -7.288  0.663   -7.675  1.00 21.13 ? 77  GLU A CG  1 
ATOM   489 C  CD  . GLU A 1 71 ? -8.038  0.410   -8.950  1.00 24.33 ? 77  GLU A CD  1 
ATOM   490 O  OE1 . GLU A 1 71 ? -9.107  -0.238  -8.869  1.00 25.52 ? 77  GLU A OE1 1 
ATOM   491 O  OE2 . GLU A 1 71 ? -7.569  0.844   -10.031 1.00 25.94 ? 77  GLU A OE2 1 
ATOM   492 N  N   . SER A 1 72 ? -7.013  2.239   -4.428  1.00 13.89 ? 78  SER A N   1 
ATOM   493 C  CA  . SER A 1 72 ? -7.993  2.848   -3.551  1.00 12.96 ? 78  SER A CA  1 
ATOM   494 C  C   . SER A 1 72 ? -7.901  2.400   -2.112  1.00 13.24 ? 78  SER A C   1 
ATOM   495 O  O   . SER A 1 72 ? -7.301  1.373   -1.800  1.00 12.53 ? 78  SER A O   1 
ATOM   496 C  CB  . SER A 1 72 ? -9.395  2.569   -4.073  1.00 13.44 ? 78  SER A CB  1 
ATOM   497 O  OG  . SER A 1 72 ? -9.570  1.188   -4.295  1.00 14.27 ? 78  SER A OG  1 
ATOM   498 N  N   . CYS A 1 73 ? -8.491  3.217   -1.248  1.00 12.97 ? 79  CYS A N   1 
ATOM   499 C  CA  . CYS A 1 73 ? -8.533  2.965   0.181   1.00 13.98 ? 79  CYS A CA  1 
ATOM   500 C  C   . CYS A 1 73 ? -9.940  3.261   0.663   1.00 14.79 ? 79  CYS A C   1 
ATOM   501 O  O   . CYS A 1 73 ? -10.585 4.211   0.197   1.00 14.25 ? 79  CYS A O   1 
ATOM   502 C  CB  . CYS A 1 73 ? -7.534  3.856   0.932   1.00 14.47 ? 79  CYS A CB  1 
ATOM   503 S  SG  . CYS A 1 73 ? -5.790  3.437   0.653   1.00 13.83 ? 79  CYS A SG  1 
ATOM   504 N  N   . VAL A 1 74 ? -10.426 2.420   1.568   1.00 16.33 ? 80  VAL A N   1 
ATOM   505 C  CA  . VAL A 1 74 ? -11.761 2.581   2.129   1.00 19.65 ? 80  VAL A CA  1 
ATOM   506 C  C   . VAL A 1 74 ? -11.752 2.212   3.604   1.00 21.48 ? 80  VAL A C   1 
ATOM   507 O  O   . VAL A 1 74 ? -10.875 1.489   4.080   1.00 21.22 ? 80  VAL A O   1 
ATOM   508 C  CB  . VAL A 1 74 ? -12.809 1.647   1.454   1.00 19.80 ? 80  VAL A CB  1 
ATOM   509 C  CG1 . VAL A 1 74 ? -14.217 2.084   1.828   1.00 20.39 ? 80  VAL A CG1 1 
ATOM   510 C  CG2 . VAL A 1 74 ? -12.647 1.635   -0.058  1.00 21.54 ? 80  VAL A CG2 1 
ATOM   511 N  N   . THR A 1 75 ? -12.749 2.719   4.316   1.00 24.40 ? 81  THR A N   1 
ATOM   512 C  CA  . THR A 1 75 ? -12.930 2.452   5.731   1.00 26.82 ? 81  THR A CA  1 
ATOM   513 C  C   . THR A 1 75 ? -13.595 1.071   5.893   1.00 28.01 ? 81  THR A C   1 
ATOM   514 O  O   . THR A 1 75 ? -14.688 0.844   5.372   1.00 28.47 ? 81  THR A O   1 
ATOM   515 C  CB  . THR A 1 75 ? -13.866 3.522   6.349   1.00 27.25 ? 81  THR A CB  1 
ATOM   516 O  OG1 . THR A 1 75 ? -13.381 4.829   6.030   1.00 29.38 ? 81  THR A OG1 1 
ATOM   517 C  CG2 . THR A 1 75 ? -13.930 3.381   7.852   1.00 29.69 ? 81  THR A CG2 1 
ATOM   518 N  N   . GLU A 1 76 ? -12.891 0.127   6.515   1.00 28.78 ? 82  GLU A N   1 
ATOM   519 C  CA  . GLU A 1 76 ? -13.452 -1.202  6.786   1.00 30.13 ? 82  GLU A CA  1 
ATOM   520 C  C   . GLU A 1 76 ? -13.166 -1.499  8.254   1.00 29.94 ? 82  GLU A C   1 
ATOM   521 O  O   . GLU A 1 76 ? -12.017 -1.707  8.656   1.00 28.97 ? 82  GLU A O   1 
ATOM   522 C  CB  . GLU A 1 76 ? -12.877 -2.295  5.863   1.00 31.58 ? 82  GLU A CB  1 
ATOM   523 C  CG  . GLU A 1 76 ? -13.307 -3.763  6.190   1.00 34.89 ? 82  GLU A CG  1 
ATOM   524 C  CD  . GLU A 1 76 ? -14.840 -4.024  6.240   1.00 37.55 ? 82  GLU A CD  1 
ATOM   525 O  OE1 . GLU A 1 76 ? -15.557 -3.868  5.226   1.00 37.92 ? 82  GLU A OE1 1 
ATOM   526 O  OE2 . GLU A 1 76 ? -15.330 -4.445  7.305   1.00 38.90 ? 82  GLU A OE2 1 
ATOM   527 N  N   . PRO A 1 77 ? -14.226 -1.486  9.082   1.00 29.92 ? 83  PRO A N   1 
ATOM   528 C  CA  . PRO A 1 77 ? -14.152 -1.741  10.519  1.00 29.60 ? 83  PRO A CA  1 
ATOM   529 C  C   . PRO A 1 77 ? -13.381 -2.997  10.858  1.00 29.59 ? 83  PRO A C   1 
ATOM   530 O  O   . PRO A 1 77 ? -12.815 -3.097  11.945  1.00 30.33 ? 83  PRO A O   1 
ATOM   531 C  CB  . PRO A 1 77 ? -15.624 -1.840  10.923  1.00 29.20 ? 83  PRO A CB  1 
ATOM   532 C  CG  . PRO A 1 77 ? -16.297 -2.273  9.667   1.00 30.05 ? 83  PRO A CG  1 
ATOM   533 C  CD  . PRO A 1 77 ? -15.628 -1.398  8.655   1.00 29.36 ? 83  PRO A CD  1 
ATOM   534 N  N   . GLU A 1 78 ? -13.317 -3.930  9.914   1.00 29.25 ? 84  GLU A N   1 
ATOM   535 C  CA  . GLU A 1 78 ? -12.599 -5.175  10.129  1.00 28.98 ? 84  GLU A CA  1 
ATOM   536 C  C   . GLU A 1 78 ? -11.074 -5.075  10.060  1.00 27.46 ? 84  GLU A C   1 
ATOM   537 O  O   . GLU A 1 78 ? -10.380 -6.075  10.220  1.00 26.84 ? 84  GLU A O   1 
ATOM   538 C  CB  . GLU A 1 78 ? -13.131 -6.253  9.196   1.00 32.27 ? 84  GLU A CB  1 
ATOM   539 C  CG  . GLU A 1 78 ? -14.538 -6.679  9.572   1.00 37.33 ? 84  GLU A CG  1 
ATOM   540 C  CD  . GLU A 1 78 ? -15.137 -7.686  8.612   1.00 40.07 ? 84  GLU A CD  1 
ATOM   541 O  OE1 . GLU A 1 78 ? -14.563 -8.791  8.461   1.00 42.11 ? 84  GLU A OE1 1 
ATOM   542 O  OE2 . GLU A 1 78 ? -16.196 -7.376  8.017   1.00 41.45 ? 84  GLU A OE2 1 
ATOM   543 N  N   . CYS A 1 79 ? -10.554 -3.867  9.860   1.00 25.72 ? 85  CYS A N   1 
ATOM   544 C  CA  . CYS A 1 79 ? -9.108  -3.656  9.815   1.00 23.86 ? 85  CYS A CA  1 
ATOM   545 C  C   . CYS A 1 79 ? -8.571  -2.931  11.049  1.00 23.69 ? 85  CYS A C   1 
ATOM   546 O  O   . CYS A 1 79 ? -9.386  -2.564  11.927  1.00 23.51 ? 85  CYS A O   1 
ATOM   547 C  CB  . CYS A 1 79 ? -8.697  -2.884  8.563   1.00 23.97 ? 85  CYS A CB  1 
ATOM   548 S  SG  . CYS A 1 79 ? -8.841  -3.793  6.989   1.00 23.60 ? 85  CYS A SG  1 
ATOM   549 N  N   . CYS B 2 1  ? 6.678   -4.569  -9.094  1.00 28.03 ? 1   CYS B N   1 
ATOM   550 C  CA  . CYS B 2 1  ? 5.350   -4.148  -9.618  1.00 28.13 ? 1   CYS B CA  1 
ATOM   551 C  C   . CYS B 2 1  ? 4.234   -4.637  -8.709  1.00 27.47 ? 1   CYS B C   1 
ATOM   552 O  O   . CYS B 2 1  ? 4.352   -5.673  -8.048  1.00 26.90 ? 1   CYS B O   1 
ATOM   553 C  CB  . CYS B 2 1  ? 5.127   -4.671  -11.049 1.00 28.14 ? 1   CYS B CB  1 
ATOM   554 S  SG  . CYS B 2 1  ? 5.396   -6.466  -11.253 1.00 28.06 ? 1   CYS B SG  1 
ATOM   555 N  N   . TYR B 2 2  ? 3.157   -3.864  -8.674  1.00 26.45 ? 2   TYR B N   1 
ATOM   556 C  CA  . TYR B 2 2  ? 2.003   -4.210  -7.879  1.00 26.04 ? 2   TYR B CA  1 
ATOM   557 C  C   . TYR B 2 2  ? 1.338   -5.390  -8.545  1.00 27.17 ? 2   TYR B C   1 
ATOM   558 O  O   . TYR B 2 2  ? 1.151   -5.405  -9.759  1.00 27.47 ? 2   TYR B O   1 
ATOM   559 C  CB  . TYR B 2 2  ? 1.073   -3.013  -7.778  1.00 23.78 ? 2   TYR B CB  1 
ATOM   560 C  CG  . TYR B 2 2  ? 1.751   -1.879  -7.073  1.00 22.06 ? 2   TYR B CG  1 
ATOM   561 C  CD1 . TYR B 2 2  ? 2.165   -0.740  -7.762  1.00 21.95 ? 2   TYR B CD1 1 
ATOM   562 C  CD2 . TYR B 2 2  ? 2.065   -1.981  -5.723  1.00 21.08 ? 2   TYR B CD2 1 
ATOM   563 C  CE1 . TYR B 2 2  ? 2.876   0.258   -7.118  1.00 21.88 ? 2   TYR B CE1 1 
ATOM   564 C  CE2 . TYR B 2 2  ? 2.771   -0.988  -5.074  1.00 20.89 ? 2   TYR B CE2 1 
ATOM   565 C  CZ  . TYR B 2 2  ? 3.174   0.121   -5.771  1.00 20.58 ? 2   TYR B CZ  1 
ATOM   566 O  OH  . TYR B 2 2  ? 3.868   1.096   -5.109  1.00 21.18 ? 2   TYR B OH  1 
ATOM   567 N  N   . PHE B 2 3  ? 1.096   -6.414  -7.737  1.00 28.06 ? 3   PHE B N   1 
ATOM   568 C  CA  . PHE B 2 3  ? 0.479   -7.676  -8.136  1.00 29.47 ? 3   PHE B CA  1 
ATOM   569 C  C   . PHE B 2 3  ? -0.461  -7.654  -9.346  1.00 30.03 ? 3   PHE B C   1 
ATOM   570 O  O   . PHE B 2 3  ? -0.224  -8.344  -10.344 1.00 29.95 ? 3   PHE B O   1 
ATOM   571 C  CB  . PHE B 2 3  ? -0.254  -8.254  -6.933  1.00 30.37 ? 3   PHE B CB  1 
ATOM   572 C  CG  . PHE B 2 3  ? -0.626  -9.679  -7.092  1.00 31.62 ? 3   PHE B CG  1 
ATOM   573 C  CD1 . PHE B 2 3  ? 0.346   -10.627 -7.404  1.00 32.94 ? 3   PHE B CD1 1 
ATOM   574 C  CD2 . PHE B 2 3  ? -1.946  -10.083 -6.924  1.00 32.78 ? 3   PHE B CD2 1 
ATOM   575 C  CE1 . PHE B 2 3  ? 0.016   -11.966 -7.544  1.00 33.56 ? 3   PHE B CE1 1 
ATOM   576 C  CE2 . PHE B 2 3  ? -2.295  -11.419 -7.062  1.00 33.69 ? 3   PHE B CE2 1 
ATOM   577 C  CZ  . PHE B 2 3  ? -1.310  -12.370 -7.375  1.00 34.73 ? 3   PHE B CZ  1 
ATOM   578 N  N   . GLN B 2 4  ? -1.538  -6.881  -9.239  1.00 29.89 ? 4   GLN B N   1 
ATOM   579 C  CA  . GLN B 2 4  ? -2.520  -6.771  -10.313 1.00 30.87 ? 4   GLN B CA  1 
ATOM   580 C  C   . GLN B 2 4  ? -2.050  -5.870  -11.453 1.00 31.34 ? 4   GLN B C   1 
ATOM   581 O  O   . GLN B 2 4  ? -2.790  -5.648  -12.407 1.00 31.64 ? 4   GLN B O   1 
ATOM   582 C  CB  . GLN B 2 4  ? -3.859  -6.255  -9.762  1.00 30.24 ? 4   GLN B CB  1 
ATOM   583 C  CG  . GLN B 2 4  ? -4.553  -7.170  -8.743  1.00 30.06 ? 4   GLN B CG  1 
ATOM   584 C  CD  . GLN B 2 4  ? -5.313  -8.331  -9.380  1.00 30.24 ? 4   GLN B CD  1 
ATOM   585 O  OE1 . GLN B 2 4  ? -5.844  -8.218  -10.490 1.00 30.85 ? 4   GLN B OE1 1 
ATOM   586 N  NE2 . GLN B 2 4  ? -5.388  -9.444  -8.662  1.00 28.59 ? 4   GLN B NE2 1 
ATOM   587 N  N   . ASN B 2 5  ? -0.832  -5.342  -11.343 1.00 32.06 ? 5   ASN B N   1 
ATOM   588 C  CA  . ASN B 2 5  ? -0.256  -4.458  -12.367 1.00 32.68 ? 5   ASN B CA  1 
ATOM   589 C  C   . ASN B 2 5  ? 0.802   -5.192  -13.185 1.00 32.30 ? 5   ASN B C   1 
ATOM   590 O  O   . ASN B 2 5  ? 1.056   -4.849  -14.343 1.00 33.36 ? 5   ASN B O   1 
ATOM   591 C  CB  . ASN B 2 5  ? 0.364   -3.218  -11.710 1.00 34.47 ? 5   ASN B CB  1 
ATOM   592 C  CG  . ASN B 2 5  ? 0.893   -2.218  -12.728 1.00 35.87 ? 5   ASN B CG  1 
ATOM   593 O  OD1 . ASN B 2 5  ? 0.191   -1.284  -13.116 1.00 37.48 ? 5   ASN B OD1 1 
ATOM   594 N  ND2 . ASN B 2 5  ? 2.139   -2.406  -13.160 1.00 37.60 ? 5   ASN B ND2 1 
ATOM   595 N  N   . CYS B 2 6  ? 1.429   -6.191  -12.571 1.00 31.89 ? 6   CYS B N   1 
ATOM   596 C  CA  . CYS B 2 6  ? 2.453   -6.992  -13.229 1.00 30.95 ? 6   CYS B CA  1 
ATOM   597 C  C   . CYS B 2 6  ? 1.865   -7.720  -14.431 1.00 30.96 ? 6   CYS B C   1 
ATOM   598 O  O   . CYS B 2 6  ? 0.849   -8.417  -14.222 1.00 31.21 ? 6   CYS B O   1 
ATOM   599 C  CB  . CYS B 2 6  ? 3.015   -8.022  -12.255 1.00 30.60 ? 6   CYS B CB  1 
ATOM   600 S  SG  . CYS B 2 6  ? 3.641   -7.321  -10.702 1.00 29.81 ? 6   CYS B SG  1 
HETATM 601 CD CD  . CD  C 3 .  ? -4.812  -2.420  -10.109 1.00 23.09 ? 301 CD  A CD  1 
HETATM 602 CD CD  . CD  D 3 .  ? -8.902  -1.303  -11.147 1.00 29.24 ? 302 CD  A CD  1 
HETATM 603 CD CD  . CD  E 3 .  ? 9.451   -14.025 0.362   1.00 48.31 ? 303 CD  A CD  1 
HETATM 604 O  O   . HOH F 4 .  ? -11.704 -2.056  -1.773  0.91 18.56 ? 203 HOH A O   1 
HETATM 605 O  O   . HOH F 4 .  ? -2.470  4.096   -6.048  0.99 14.33 ? 204 HOH A O   1 
HETATM 606 O  O   . HOH F 4 .  ? -10.953 -9.984  0.255   0.97 36.70 ? 208 HOH A O   1 
HETATM 607 O  O   . HOH F 4 .  ? 1.860   16.177  -0.876  0.98 33.26 ? 210 HOH A O   1 
HETATM 608 O  O   . HOH F 4 .  ? 6.960   5.797   -16.910 0.84 33.87 ? 216 HOH A O   1 
HETATM 609 O  O   . HOH F 4 .  ? -1.064  -1.237  -10.115 0.77 26.83 ? 220 HOH A O   1 
HETATM 610 O  O   . HOH F 4 .  ? -5.457  5.161   10.216  1.03 28.15 ? 225 HOH A O   1 
HETATM 611 O  O   . HOH F 4 .  ? 3.199   12.391  9.298   0.98 50.13 ? 227 HOH A O   1 
HETATM 612 O  O   . HOH F 4 .  ? -1.422  -4.434  -1.395  0.87 39.52 ? 228 HOH A O   1 
HETATM 613 O  O   . HOH F 4 .  ? 5.629   13.078  7.264   0.70 48.78 ? 231 HOH A O   1 
HETATM 614 O  O   . HOH F 4 .  ? -17.146 -8.413  5.640   0.90 37.96 ? 233 HOH A O   1 
HETATM 615 O  O   . HOH F 4 .  ? 1.222   4.127   -11.876 0.86 35.74 ? 234 HOH A O   1 
HETATM 616 O  O   . HOH F 4 .  ? -3.519  3.979   -9.284  1.02 32.61 ? 237 HOH A O   1 
HETATM 617 O  O   . HOH F 4 .  ? 3.136   -1.912  -10.636 1.34 30.71 ? 251 HOH A O   1 
HETATM 618 O  O   . HOH F 4 .  ? -2.965  0.984   -9.499  0.95 25.55 ? 252 HOH A O   1 
HETATM 619 O  O   . HOH F 4 .  ? 14.850  1.044   0.488   1.30 53.34 ? 253 HOH A O   1 
HETATM 620 O  O   . HOH F 4 .  ? -10.686 -1.563  -6.715  0.90 17.00 ? 259 HOH A O   1 
HETATM 621 O  O   . HOH F 4 .  ? -0.377  6.317   -10.125 0.84 37.99 ? 261 HOH A O   1 
HETATM 622 O  O   . HOH F 4 .  ? -3.901  -13.866 3.754   0.73 44.47 ? 265 HOH A O   1 
HETATM 623 O  O   . HOH F 4 .  ? -7.884  -6.243  12.217  1.09 54.07 ? 266 HOH A O   1 
HETATM 624 O  O   . HOH F 4 .  ? -17.151 -10.106 8.869   0.85 47.06 ? 278 HOH A O   1 
HETATM 625 O  O   . HOH F 4 .  ? -12.798 -3.336  -7.599  0.82 48.83 ? 280 HOH A O   1 
HETATM 626 O  O   . HOH F 4 .  ? 0.286   -4.866  -4.055  0.94 54.46 ? 281 HOH A O   1 
HETATM 627 O  O   . HOH F 4 .  ? -14.549 -9.580  5.444   0.83 40.97 ? 282 HOH A O   1 
HETATM 628 O  O   . HOH F 4 .  ? 2.813   9.119   -13.488 0.91 37.02 ? 284 HOH A O   1 
HETATM 629 O  O   . HOH G 4 .  ? 2.974   -9.762  -16.406 1.55 56.11 ? 201 HOH B O   1 
HETATM 630 O  O   . HOH G 4 .  ? -4.616  -3.560  -12.746 0.87 14.81 ? 212 HOH B O   1 
HETATM 631 O  O   . HOH G 4 .  ? -1.988  -5.263  -7.144  1.20 32.47 ? 218 HOH B O   1 
HETATM 632 O  O   . HOH G 4 .  ? 3.521   -6.150  -16.087 1.06 51.43 ? 226 HOH B O   1 
# 
